data_3MUO
#
_entry.id   3MUO
#
_cell.length_a   107.770
_cell.length_b   107.770
_cell.length_c   147.220
_cell.angle_alpha   90.00
_cell.angle_beta   90.00
_cell.angle_gamma   120.00
#
_symmetry.space_group_name_H-M   'P 31 2 1'
#
loop_
_entity.id
_entity.type
_entity.pdbx_description
1 polymer 'Prolyl endopeptidase'
2 branched beta-D-fructofuranose-(2-1)-alpha-D-glucopyranose
3 non-polymer N-BENZYLOXYCARBONYL-L-PROLYL-L-PROLINAL
4 non-polymer 'SULFATE ION'
5 non-polymer GLYCEROL
6 water water
#
_entity_poly.entity_id   1
_entity_poly.type   'polypeptide(L)'
_entity_poly.pdbx_seq_one_letter_code
;GSHMSGKARLHYPVTRQGEQVDHYFGQAVADPYRWLEDDRSPETEAWVKAQNAVTQDYLAQIPYRAAIKEKLAASWNYAK
EGAPFWWGRYHYFFKNDGLQNQNVLWRQQEGKPAEVFLDPNTLSPDGTTALDQLSFSRDGRILAYSLSLAGSDWREIHLM
DVESKQPLETPLKDVKFSGISWLGNEGFFYSSYDKPDGSELSARTDQHKVYFHRLGTAQEDDRLVFGAIPAQHHRYVGAT
VTEDQRFLLISAANSTSGNRLYVKDLSQENAPLLTVQGDLDADVSLVDNKGSTLYLLTNRDAPNRRLVTVDAANPGPAHW
RDLIPERQQVLTVHSGSGYLFAEYMVDATARVEQFDYEGKRVREVALPGLGSVSGFNGYWWDPALYFGFENYAQPPTLYR
FEPKSGAISLYRASAAPFKPEDYVSEQRFYQSKDGTRVPLIISYRKGLKLDGSNPTILYGYGGFDVSLTPSFSVSVANWL
DLGGVYAVANLRGGGEYGQAWHLAGTQQNKQNVFDDFIAAAEYLKAEGYTRTDRLAIRGGSNGGLLVGAVMTQRPDLMRV
ALPAVGVLDMLRYHTFTAGTGWAYDYGTSADSEAMFDYLKGYSPLHNVRPGVSYPSTMVTTADHDDRVVPAHSFKFAATL
QADNAGPHPQLIRIETNAGHGAGTPVAKLIEQSADIYAFTLYEMGYRELPRQP
;
_entity_poly.pdbx_strand_id   A
#
loop_
_chem_comp.id
_chem_comp.type
_chem_comp.name
_chem_comp.formula
FRU D-saccharide, beta linking beta-D-fructofuranose 'C6 H12 O6'
GLC D-saccharide, alpha linking alpha-D-glucopyranose 'C6 H12 O6'
GOL non-polymer GLYCEROL 'C3 H8 O3'
SO4 non-polymer 'SULFATE ION' 'O4 S -2'
ZPR peptide-like N-BENZYLOXYCARBONYL-L-PROLYL-L-PROLINAL 'C18 H22 N2 O4'
#
# COMPACT_ATOMS: atom_id res chain seq x y z
N LEU A 10 -21.48 0.79 -28.71
CA LEU A 10 -20.70 -0.02 -27.73
C LEU A 10 -21.55 -1.19 -27.24
N HIS A 11 -21.06 -2.41 -27.45
CA HIS A 11 -21.79 -3.59 -27.04
C HIS A 11 -21.13 -4.34 -25.88
N TYR A 12 -21.72 -4.24 -24.70
CA TYR A 12 -21.16 -4.93 -23.54
C TYR A 12 -21.51 -6.41 -23.60
N PRO A 13 -20.67 -7.26 -23.01
CA PRO A 13 -20.97 -8.69 -23.02
C PRO A 13 -22.27 -8.86 -22.23
N VAL A 14 -23.04 -9.90 -22.52
CA VAL A 14 -24.27 -10.14 -21.79
C VAL A 14 -23.91 -10.69 -20.41
N THR A 15 -24.44 -10.09 -19.35
CA THR A 15 -24.16 -10.56 -18.00
C THR A 15 -25.50 -11.04 -17.42
N ARG A 16 -25.66 -12.34 -17.25
CA ARG A 16 -26.93 -12.84 -16.75
C ARG A 16 -27.15 -12.43 -15.30
N GLN A 17 -28.42 -12.36 -14.91
CA GLN A 17 -28.78 -12.00 -13.55
C GLN A 17 -29.34 -13.24 -12.86
N GLY A 18 -28.71 -13.63 -11.77
CA GLY A 18 -29.15 -14.80 -11.01
C GLY A 18 -30.27 -14.46 -10.04
N GLU A 19 -30.71 -15.46 -9.27
CA GLU A 19 -31.81 -15.30 -8.33
C GLU A 19 -31.40 -15.16 -6.86
N GLN A 20 -30.11 -15.01 -6.60
CA GLN A 20 -29.64 -14.89 -5.22
C GLN A 20 -30.22 -13.70 -4.46
N VAL A 21 -30.67 -13.96 -3.25
CA VAL A 21 -31.21 -12.90 -2.40
C VAL A 21 -30.61 -13.10 -1.00
N ASP A 22 -29.97 -12.07 -0.45
CA ASP A 22 -29.38 -12.18 0.87
C ASP A 22 -30.29 -11.49 1.87
N HIS A 23 -30.16 -11.82 3.14
CA HIS A 23 -30.98 -11.17 4.16
C HIS A 23 -30.09 -10.62 5.27
N TYR A 24 -30.42 -9.41 5.72
CA TYR A 24 -29.66 -8.75 6.77
C TYR A 24 -30.67 -8.33 7.84
N PHE A 25 -30.66 -9.02 8.98
CA PHE A 25 -31.62 -8.74 10.05
C PHE A 25 -33.02 -8.83 9.46
N GLY A 26 -33.21 -9.79 8.57
CA GLY A 26 -34.52 -10.00 7.98
C GLY A 26 -34.83 -9.19 6.73
N GLN A 27 -34.00 -8.19 6.41
CA GLN A 27 -34.25 -7.37 5.23
C GLN A 27 -33.63 -7.99 4.00
N ALA A 28 -34.43 -8.22 2.96
CA ALA A 28 -33.93 -8.85 1.74
C ALA A 28 -33.15 -7.90 0.83
N VAL A 29 -32.04 -8.39 0.27
CA VAL A 29 -31.24 -7.59 -0.66
C VAL A 29 -30.89 -8.51 -1.83
N ALA A 30 -31.27 -8.15 -3.04
CA ALA A 30 -30.97 -9.00 -4.20
C ALA A 30 -29.52 -8.84 -4.66
N ASP A 31 -28.90 -9.95 -5.09
CA ASP A 31 -27.52 -9.95 -5.59
C ASP A 31 -27.48 -10.74 -6.91
N PRO A 32 -27.98 -10.14 -7.99
CA PRO A 32 -28.01 -10.78 -9.31
C PRO A 32 -26.68 -11.22 -9.91
N TYR A 33 -25.58 -10.61 -9.48
CA TYR A 33 -24.28 -11.00 -10.04
C TYR A 33 -23.44 -11.81 -9.05
N ARG A 34 -24.12 -12.45 -8.10
CA ARG A 34 -23.45 -13.27 -7.09
C ARG A 34 -22.56 -14.34 -7.73
N TRP A 35 -22.97 -14.87 -8.87
CA TRP A 35 -22.19 -15.90 -9.54
C TRP A 35 -20.79 -15.44 -9.94
N LEU A 36 -20.60 -14.14 -10.11
CA LEU A 36 -19.27 -13.62 -10.47
C LEU A 36 -18.28 -13.72 -9.30
N GLU A 37 -18.77 -14.11 -8.13
CA GLU A 37 -17.91 -14.29 -6.97
C GLU A 37 -17.16 -15.63 -7.06
N ASP A 38 -17.62 -16.52 -7.93
CA ASP A 38 -16.96 -17.81 -8.09
C ASP A 38 -15.82 -17.63 -9.08
N ASP A 39 -14.64 -17.32 -8.56
CA ASP A 39 -13.49 -17.06 -9.41
C ASP A 39 -12.97 -18.26 -10.19
N ARG A 40 -13.45 -19.45 -9.89
CA ARG A 40 -12.97 -20.63 -10.60
C ARG A 40 -13.95 -21.20 -11.62
N SER A 41 -15.12 -20.60 -11.75
CA SER A 41 -16.10 -21.13 -12.70
C SER A 41 -15.78 -20.76 -14.13
N PRO A 42 -16.07 -21.66 -15.08
CA PRO A 42 -15.80 -21.35 -16.48
C PRO A 42 -16.61 -20.12 -16.93
N GLU A 43 -17.78 -19.95 -16.33
CA GLU A 43 -18.66 -18.84 -16.63
C GLU A 43 -18.02 -17.51 -16.24
N THR A 44 -17.39 -17.46 -15.08
CA THR A 44 -16.74 -16.23 -14.67
C THR A 44 -15.50 -15.97 -15.54
N GLU A 45 -14.73 -17.01 -15.83
CA GLU A 45 -13.54 -16.84 -16.66
C GLU A 45 -13.90 -16.35 -18.07
N ALA A 46 -15.02 -16.83 -18.61
CA ALA A 46 -15.47 -16.42 -19.94
C ALA A 46 -15.92 -14.95 -19.93
N TRP A 47 -16.56 -14.53 -18.84
CA TRP A 47 -17.04 -13.16 -18.70
C TRP A 47 -15.85 -12.21 -18.68
N VAL A 48 -14.79 -12.58 -17.95
CA VAL A 48 -13.58 -11.76 -17.87
C VAL A 48 -12.94 -11.58 -19.25
N LYS A 49 -12.84 -12.67 -20.01
CA LYS A 49 -12.26 -12.57 -21.35
C LYS A 49 -13.11 -11.68 -22.24
N ALA A 50 -14.43 -11.84 -22.17
CA ALA A 50 -15.35 -11.02 -22.96
C ALA A 50 -15.24 -9.54 -22.59
N GLN A 51 -15.20 -9.24 -21.29
CA GLN A 51 -15.08 -7.84 -20.88
C GLN A 51 -13.74 -7.25 -21.35
N ASN A 52 -12.64 -7.98 -21.15
CA ASN A 52 -11.34 -7.46 -21.58
C ASN A 52 -11.32 -7.20 -23.09
N ALA A 53 -11.97 -8.06 -23.87
CA ALA A 53 -12.03 -7.87 -25.32
C ALA A 53 -12.75 -6.57 -25.66
N VAL A 54 -13.89 -6.31 -25.02
CA VAL A 54 -14.64 -5.08 -25.26
C VAL A 54 -13.79 -3.86 -24.89
N THR A 55 -13.16 -3.91 -23.74
CA THR A 55 -12.33 -2.81 -23.29
C THR A 55 -11.16 -2.56 -24.24
N GLN A 56 -10.46 -3.61 -24.66
CA GLN A 56 -9.34 -3.42 -25.58
C GLN A 56 -9.81 -2.85 -26.93
N ASP A 57 -10.97 -3.30 -27.40
CA ASP A 57 -11.50 -2.79 -28.66
C ASP A 57 -11.82 -1.31 -28.52
N TYR A 58 -12.35 -0.92 -27.37
CA TYR A 58 -12.67 0.49 -27.15
C TYR A 58 -11.38 1.30 -27.12
N LEU A 59 -10.40 0.86 -26.35
CA LEU A 59 -9.12 1.58 -26.25
C LEU A 59 -8.37 1.66 -27.58
N ALA A 60 -8.53 0.64 -28.41
CA ALA A 60 -7.86 0.58 -29.70
C ALA A 60 -8.28 1.72 -30.64
N GLN A 61 -9.44 2.32 -30.39
CA GLN A 61 -9.92 3.41 -31.23
C GLN A 61 -9.28 4.76 -30.86
N ILE A 62 -8.56 4.80 -29.74
CA ILE A 62 -7.93 6.06 -29.30
C ILE A 62 -6.60 6.22 -30.05
N PRO A 63 -6.53 7.23 -30.93
CA PRO A 63 -5.35 7.53 -31.75
C PRO A 63 -4.02 7.78 -31.08
N TYR A 64 -4.05 8.38 -29.89
CA TYR A 64 -2.81 8.68 -29.17
C TYR A 64 -2.45 7.73 -28.05
N ARG A 65 -3.10 6.58 -27.95
CA ARG A 65 -2.77 5.65 -26.87
C ARG A 65 -1.34 5.12 -27.05
N ALA A 66 -0.96 4.80 -28.29
CA ALA A 66 0.39 4.29 -28.52
C ALA A 66 1.43 5.38 -28.20
N ALA A 67 1.14 6.63 -28.55
CA ALA A 67 2.08 7.72 -28.27
C ALA A 67 2.29 7.87 -26.77
N ILE A 68 1.22 7.76 -25.99
CA ILE A 68 1.33 7.90 -24.54
C ILE A 68 2.18 6.76 -23.97
N LYS A 69 1.96 5.54 -24.47
CA LYS A 69 2.75 4.42 -24.01
C LYS A 69 4.23 4.59 -24.35
N GLU A 70 4.53 5.09 -25.56
CA GLU A 70 5.92 5.27 -25.94
C GLU A 70 6.55 6.40 -25.13
N LYS A 71 5.76 7.43 -24.84
CA LYS A 71 6.26 8.57 -24.07
C LYS A 71 6.63 8.10 -22.66
N LEU A 72 5.74 7.31 -22.07
CA LEU A 72 5.96 6.76 -20.74
C LEU A 72 7.19 5.86 -20.69
N ALA A 73 7.28 4.92 -21.64
CA ALA A 73 8.41 4.01 -21.67
C ALA A 73 9.74 4.74 -21.83
N ALA A 74 9.78 5.72 -22.73
CA ALA A 74 11.02 6.47 -22.95
C ALA A 74 11.47 7.24 -21.71
N SER A 75 10.52 7.86 -21.00
CA SER A 75 10.87 8.64 -19.81
C SER A 75 11.18 7.77 -18.59
N TRP A 76 10.69 6.53 -18.59
CA TRP A 76 10.90 5.57 -17.50
C TRP A 76 12.27 4.93 -17.64
N ASN A 77 12.76 4.90 -18.88
CA ASN A 77 14.04 4.28 -19.23
C ASN A 77 15.31 4.99 -18.76
N TYR A 78 15.61 4.93 -17.47
CA TYR A 78 16.82 5.54 -16.92
C TYR A 78 17.28 4.70 -15.74
N ALA A 79 18.59 4.68 -15.49
CA ALA A 79 19.17 3.88 -14.41
C ALA A 79 18.68 4.30 -13.02
N LYS A 80 18.34 3.31 -12.21
CA LYS A 80 17.87 3.55 -10.85
C LYS A 80 18.69 2.67 -9.90
N GLU A 81 18.99 3.19 -8.72
CA GLU A 81 19.78 2.43 -7.75
C GLU A 81 19.34 2.78 -6.33
N GLY A 82 19.25 1.76 -5.48
CA GLY A 82 18.85 1.99 -4.11
C GLY A 82 20.03 2.13 -3.16
N ALA A 83 19.75 2.36 -1.90
CA ALA A 83 20.80 2.52 -0.87
C ALA A 83 21.46 1.17 -0.63
N PRO A 84 22.77 1.17 -0.27
CA PRO A 84 23.50 -0.07 -0.01
C PRO A 84 23.20 -0.66 1.36
N PHE A 85 23.26 -1.99 1.43
CA PHE A 85 23.00 -2.75 2.65
C PHE A 85 24.23 -3.61 2.91
N TRP A 86 24.83 -3.47 4.08
CA TRP A 86 26.04 -4.21 4.38
C TRP A 86 25.77 -5.45 5.24
N TRP A 87 26.17 -6.62 4.75
CA TRP A 87 25.99 -7.85 5.51
C TRP A 87 27.07 -8.86 5.12
N GLY A 88 27.86 -9.29 6.09
CA GLY A 88 28.93 -10.22 5.78
C GLY A 88 29.98 -9.45 5.00
N ARG A 89 30.65 -10.09 4.05
CA ARG A 89 31.69 -9.42 3.28
C ARG A 89 31.19 -8.60 2.10
N TYR A 90 29.87 -8.56 1.91
CA TYR A 90 29.30 -7.84 0.78
C TYR A 90 28.41 -6.66 1.13
N HIS A 91 28.28 -5.75 0.17
CA HIS A 91 27.37 -4.63 0.27
C HIS A 91 26.35 -5.03 -0.80
N TYR A 92 25.07 -4.97 -0.46
CA TYR A 92 23.99 -5.34 -1.38
C TYR A 92 23.21 -4.08 -1.78
N PHE A 93 22.76 -4.03 -3.02
CA PHE A 93 22.00 -2.89 -3.49
C PHE A 93 21.18 -3.27 -4.71
N PHE A 94 19.99 -2.70 -4.80
CA PHE A 94 19.10 -2.97 -5.92
C PHE A 94 19.37 -1.99 -7.04
N LYS A 95 19.23 -2.45 -8.27
CA LYS A 95 19.42 -1.58 -9.43
C LYS A 95 18.45 -1.95 -10.54
N ASN A 96 18.16 -1.00 -11.40
CA ASN A 96 17.34 -1.25 -12.57
C ASN A 96 17.98 -0.45 -13.68
N ASP A 97 18.40 -1.14 -14.75
CA ASP A 97 19.04 -0.49 -15.90
C ASP A 97 18.11 0.53 -16.55
N GLY A 98 16.82 0.41 -16.28
CA GLY A 98 15.87 1.34 -16.86
C GLY A 98 14.51 0.72 -17.01
N LEU A 99 14.38 -0.27 -17.88
CA LEU A 99 13.08 -0.93 -18.08
C LEU A 99 13.04 -2.40 -17.68
N GLN A 100 13.90 -2.82 -16.76
CA GLN A 100 13.84 -4.21 -16.32
C GLN A 100 12.53 -4.36 -15.55
N ASN A 101 11.80 -5.45 -15.80
CA ASN A 101 10.51 -5.65 -15.17
C ASN A 101 10.55 -5.62 -13.63
N GLN A 102 11.58 -6.23 -13.06
CA GLN A 102 11.78 -6.27 -11.61
C GLN A 102 13.19 -5.73 -11.31
N ASN A 103 13.36 -5.07 -10.17
CA ASN A 103 14.69 -4.55 -9.80
C ASN A 103 15.60 -5.74 -9.52
N VAL A 104 16.88 -5.58 -9.83
CA VAL A 104 17.87 -6.64 -9.66
C VAL A 104 18.72 -6.40 -8.42
N LEU A 105 18.98 -7.47 -7.67
CA LEU A 105 19.81 -7.36 -6.46
C LEU A 105 21.25 -7.65 -6.83
N TRP A 106 22.11 -6.64 -6.63
CA TRP A 106 23.53 -6.74 -6.92
C TRP A 106 24.26 -6.78 -5.60
N ARG A 107 25.53 -7.17 -5.65
CA ARG A 107 26.35 -7.15 -4.45
C ARG A 107 27.77 -6.86 -4.87
N GLN A 108 28.59 -6.46 -3.91
CA GLN A 108 29.97 -6.14 -4.18
C GLN A 108 30.79 -6.20 -2.89
N GLN A 109 31.97 -6.78 -2.99
CA GLN A 109 32.84 -6.83 -1.83
C GLN A 109 34.06 -6.00 -2.17
N GLU A 110 34.67 -5.40 -1.16
CA GLU A 110 35.84 -4.56 -1.40
C GLU A 110 36.91 -5.21 -2.24
N GLY A 111 37.52 -4.45 -3.14
CA GLY A 111 38.57 -4.98 -3.97
C GLY A 111 38.10 -5.74 -5.20
N LYS A 112 36.78 -5.85 -5.38
CA LYS A 112 36.24 -6.57 -6.52
C LYS A 112 35.07 -5.85 -7.20
N PRO A 113 34.82 -6.17 -8.47
CA PRO A 113 33.73 -5.52 -9.20
C PRO A 113 32.36 -6.03 -8.75
N ALA A 114 31.34 -5.19 -8.85
CA ALA A 114 29.98 -5.56 -8.46
C ALA A 114 29.47 -6.69 -9.34
N GLU A 115 28.58 -7.51 -8.79
CA GLU A 115 28.03 -8.63 -9.56
C GLU A 115 26.55 -8.81 -9.25
N VAL A 116 25.82 -9.39 -10.21
CA VAL A 116 24.41 -9.66 -10.01
C VAL A 116 24.32 -10.82 -9.03
N PHE A 117 23.50 -10.65 -7.99
CA PHE A 117 23.35 -11.67 -6.96
C PHE A 117 22.02 -12.42 -7.10
N LEU A 118 20.94 -11.68 -7.26
CA LEU A 118 19.61 -12.28 -7.40
C LEU A 118 18.80 -11.45 -8.38
N ASP A 119 18.54 -12.01 -9.56
CA ASP A 119 17.79 -11.31 -10.62
C ASP A 119 16.39 -11.91 -10.78
N PRO A 120 15.36 -11.27 -10.20
CA PRO A 120 13.98 -11.76 -10.30
C PRO A 120 13.50 -11.92 -11.75
N ASN A 121 14.09 -11.16 -12.67
CA ASN A 121 13.69 -11.26 -14.06
C ASN A 121 13.99 -12.62 -14.67
N THR A 122 14.86 -13.39 -14.02
CA THR A 122 15.18 -14.72 -14.53
C THR A 122 14.33 -15.77 -13.81
N LEU A 123 13.34 -15.34 -13.03
CA LEU A 123 12.52 -16.31 -12.30
C LEU A 123 11.13 -16.58 -12.90
N SER A 124 10.77 -15.83 -13.93
CA SER A 124 9.48 -16.06 -14.59
C SER A 124 9.61 -15.63 -16.04
N PRO A 125 8.73 -16.13 -16.91
CA PRO A 125 8.80 -15.75 -18.33
C PRO A 125 8.22 -14.38 -18.63
N ASP A 126 7.48 -13.81 -17.69
CA ASP A 126 6.85 -12.51 -17.92
C ASP A 126 7.11 -11.44 -16.87
N GLY A 127 8.08 -11.68 -15.98
CA GLY A 127 8.41 -10.72 -14.96
C GLY A 127 7.36 -10.61 -13.87
N THR A 128 6.47 -11.60 -13.78
CA THR A 128 5.41 -11.55 -12.77
C THR A 128 5.73 -12.18 -11.43
N THR A 129 6.94 -12.72 -11.27
CA THR A 129 7.36 -13.25 -9.98
C THR A 129 8.19 -12.14 -9.36
N ALA A 130 7.84 -11.75 -8.13
CA ALA A 130 8.54 -10.66 -7.48
C ALA A 130 9.15 -11.02 -6.14
N LEU A 131 10.26 -10.38 -5.83
CA LEU A 131 10.98 -10.58 -4.59
C LEU A 131 10.38 -9.69 -3.52
N ASP A 132 10.08 -10.25 -2.34
CA ASP A 132 9.48 -9.45 -1.27
C ASP A 132 10.43 -9.29 -0.08
N GLN A 133 10.40 -10.23 0.86
CA GLN A 133 11.27 -10.15 2.04
C GLN A 133 12.62 -10.82 1.85
N LEU A 134 13.66 -10.23 2.44
CA LEU A 134 15.02 -10.78 2.38
C LEU A 134 15.56 -10.78 3.80
N SER A 135 16.10 -11.91 4.22
CA SER A 135 16.64 -12.01 5.57
C SER A 135 17.81 -12.97 5.59
N PHE A 136 18.99 -12.45 5.92
CA PHE A 136 20.22 -13.25 5.98
C PHE A 136 20.42 -13.88 7.36
N SER A 137 21.02 -15.08 7.41
CA SER A 137 21.30 -15.74 8.68
C SER A 137 22.37 -14.88 9.35
N ARG A 138 22.51 -14.96 10.66
CA ARG A 138 23.49 -14.13 11.35
C ARG A 138 24.92 -14.28 10.86
N ASP A 139 25.34 -15.49 10.48
CA ASP A 139 26.70 -15.66 9.98
C ASP A 139 26.86 -15.21 8.53
N GLY A 140 25.75 -14.78 7.93
CA GLY A 140 25.78 -14.33 6.55
C GLY A 140 26.00 -15.42 5.51
N ARG A 141 25.86 -16.67 5.90
CA ARG A 141 26.07 -17.76 4.95
C ARG A 141 24.81 -18.21 4.22
N ILE A 142 23.64 -17.91 4.80
CA ILE A 142 22.38 -18.31 4.18
C ILE A 142 21.42 -17.14 4.03
N LEU A 143 20.68 -17.15 2.93
CA LEU A 143 19.69 -16.10 2.68
C LEU A 143 18.32 -16.72 2.52
N ALA A 144 17.35 -16.20 3.26
CA ALA A 144 15.97 -16.65 3.13
C ALA A 144 15.27 -15.47 2.45
N TYR A 145 14.49 -15.74 1.41
CA TYR A 145 13.78 -14.65 0.74
C TYR A 145 12.40 -15.12 0.36
N SER A 146 11.43 -14.21 0.30
CA SER A 146 10.10 -14.64 -0.07
C SER A 146 9.76 -14.12 -1.45
N LEU A 147 9.01 -14.92 -2.19
CA LEU A 147 8.60 -14.54 -3.54
C LEU A 147 7.09 -14.54 -3.68
N SER A 148 6.60 -13.61 -4.50
CA SER A 148 5.18 -13.51 -4.79
C SER A 148 5.00 -13.99 -6.23
N LEU A 149 4.02 -14.86 -6.46
CA LEU A 149 3.73 -15.35 -7.81
C LEU A 149 2.46 -14.68 -8.35
N ALA A 150 2.57 -14.09 -9.54
CA ALA A 150 1.46 -13.40 -10.20
C ALA A 150 0.86 -12.30 -9.34
N GLY A 151 1.64 -11.78 -8.40
CA GLY A 151 1.19 -10.69 -7.56
C GLY A 151 0.25 -10.93 -6.39
N SER A 152 -0.05 -12.19 -6.05
CA SER A 152 -0.96 -12.38 -4.93
C SER A 152 -0.23 -12.17 -3.59
N ASP A 153 -1.00 -12.07 -2.51
CA ASP A 153 -0.42 -11.89 -1.17
C ASP A 153 0.26 -13.18 -0.66
N TRP A 154 -0.04 -14.32 -1.27
CA TRP A 154 0.59 -15.56 -0.82
C TRP A 154 2.07 -15.52 -1.18
N ARG A 155 2.87 -16.26 -0.42
CA ARG A 155 4.31 -16.27 -0.65
C ARG A 155 4.90 -17.65 -0.49
N GLU A 156 6.10 -17.80 -1.03
CA GLU A 156 6.90 -19.01 -0.86
C GLU A 156 8.19 -18.46 -0.29
N ILE A 157 8.79 -19.16 0.67
CA ILE A 157 10.06 -18.72 1.20
C ILE A 157 11.12 -19.67 0.64
N HIS A 158 12.10 -19.09 -0.04
CA HIS A 158 13.19 -19.84 -0.64
C HIS A 158 14.46 -19.63 0.16
N LEU A 159 15.38 -20.58 0.05
CA LEU A 159 16.66 -20.52 0.75
C LEU A 159 17.80 -20.69 -0.25
N MET A 160 18.90 -19.95 -0.04
CA MET A 160 20.05 -20.08 -0.92
C MET A 160 21.34 -19.88 -0.16
N ASP A 161 22.39 -20.56 -0.62
CA ASP A 161 23.72 -20.42 -0.04
C ASP A 161 24.18 -19.06 -0.56
N VAL A 162 24.57 -18.16 0.35
CA VAL A 162 24.97 -16.81 -0.05
C VAL A 162 26.25 -16.77 -0.89
N GLU A 163 27.25 -17.54 -0.52
CA GLU A 163 28.49 -17.48 -1.30
C GLU A 163 28.40 -18.09 -2.69
N SER A 164 27.86 -19.31 -2.79
CA SER A 164 27.75 -20.00 -4.09
C SER A 164 26.49 -19.67 -4.88
N LYS A 165 25.48 -19.14 -4.21
CA LYS A 165 24.18 -18.80 -4.82
C LYS A 165 23.34 -20.04 -5.10
N GLN A 166 23.76 -21.17 -4.55
CA GLN A 166 23.02 -22.41 -4.77
C GLN A 166 21.73 -22.53 -3.96
N PRO A 167 20.63 -22.97 -4.59
CA PRO A 167 19.38 -23.11 -3.84
C PRO A 167 19.51 -24.21 -2.79
N LEU A 168 18.87 -24.01 -1.63
CA LEU A 168 18.90 -24.96 -0.52
C LEU A 168 17.50 -25.44 -0.20
N GLU A 169 17.39 -26.68 0.27
CA GLU A 169 16.09 -27.22 0.64
C GLU A 169 15.00 -27.01 -0.39
N THR A 170 13.75 -27.16 0.05
CA THR A 170 12.60 -26.96 -0.81
C THR A 170 11.88 -25.73 -0.24
N PRO A 171 11.33 -24.87 -1.12
CA PRO A 171 10.64 -23.68 -0.62
C PRO A 171 9.46 -23.96 0.32
N LEU A 172 9.27 -23.07 1.28
CA LEU A 172 8.17 -23.17 2.23
C LEU A 172 6.92 -22.61 1.56
N LYS A 173 5.79 -23.28 1.76
CA LYS A 173 4.53 -22.84 1.14
C LYS A 173 3.55 -22.30 2.17
N ASP A 174 2.50 -21.66 1.65
CA ASP A 174 1.40 -21.10 2.46
C ASP A 174 1.80 -19.97 3.39
N VAL A 175 2.82 -19.23 2.99
CA VAL A 175 3.29 -18.09 3.78
C VAL A 175 2.49 -16.87 3.32
N LYS A 176 2.13 -16.00 4.26
CA LYS A 176 1.38 -14.80 3.91
C LYS A 176 1.51 -13.76 5.01
N PHE A 177 1.61 -12.48 4.63
CA PHE A 177 1.76 -11.36 5.58
C PHE A 177 2.82 -11.73 6.60
N SER A 178 3.98 -12.10 6.08
CA SER A 178 5.07 -12.59 6.91
C SER A 178 6.44 -11.95 6.75
N GLY A 179 7.11 -11.75 7.88
CA GLY A 179 8.47 -11.26 7.85
C GLY A 179 9.29 -12.55 7.93
N ILE A 180 10.61 -12.46 7.97
CA ILE A 180 11.46 -13.65 8.10
C ILE A 180 12.49 -13.24 9.14
N SER A 181 12.44 -13.87 10.31
CA SER A 181 13.35 -13.51 11.38
C SER A 181 14.15 -14.70 11.89
N TRP A 182 15.46 -14.64 11.67
CA TRP A 182 16.38 -15.71 12.08
C TRP A 182 16.70 -15.76 13.56
N LEU A 183 16.89 -16.97 14.05
CA LEU A 183 17.30 -17.20 15.41
C LEU A 183 18.73 -17.69 15.16
N GLY A 184 19.70 -16.80 15.27
CA GLY A 184 21.07 -17.21 15.00
C GLY A 184 21.18 -17.78 13.59
N ASN A 185 21.67 -19.01 13.48
CA ASN A 185 21.80 -19.65 12.17
C ASN A 185 21.04 -20.97 12.19
N GLU A 186 20.24 -21.17 13.24
CA GLU A 186 19.47 -22.41 13.40
C GLU A 186 18.25 -22.51 12.49
N GLY A 187 17.57 -21.38 12.32
CA GLY A 187 16.36 -21.37 11.50
C GLY A 187 15.70 -20.02 11.66
N PHE A 188 14.46 -19.91 11.20
CA PHE A 188 13.77 -18.65 11.25
C PHE A 188 12.27 -18.76 11.51
N PHE A 189 11.70 -17.66 11.98
CA PHE A 189 10.28 -17.57 12.27
C PHE A 189 9.60 -16.96 11.05
N TYR A 190 8.38 -17.41 10.76
CA TYR A 190 7.59 -16.88 9.65
C TYR A 190 6.11 -17.08 10.01
N SER A 191 5.23 -16.41 9.30
CA SER A 191 3.79 -16.54 9.55
C SER A 191 3.10 -17.18 8.37
N SER A 192 2.04 -17.92 8.65
CA SER A 192 1.31 -18.65 7.64
C SER A 192 -0.13 -18.95 8.02
N TYR A 193 -0.98 -19.11 7.00
CA TYR A 193 -2.37 -19.49 7.18
C TYR A 193 -2.43 -20.89 6.55
N ASP A 194 -3.24 -21.78 7.12
CA ASP A 194 -3.40 -23.11 6.53
C ASP A 194 -4.01 -22.87 5.15
N LYS A 195 -3.63 -23.69 4.18
CA LYS A 195 -4.17 -23.59 2.82
C LYS A 195 -5.69 -23.73 2.96
N PRO A 196 -6.46 -22.72 2.51
CA PRO A 196 -7.92 -22.84 2.64
C PRO A 196 -8.50 -23.86 1.69
N ASP A 197 -9.66 -24.43 2.04
CA ASP A 197 -10.30 -25.35 1.13
C ASP A 197 -11.04 -24.40 0.21
N GLY A 198 -11.05 -24.68 -1.09
CA GLY A 198 -11.71 -23.77 -2.00
C GLY A 198 -10.63 -22.90 -2.62
N SER A 199 -11.02 -21.78 -3.22
CA SER A 199 -10.05 -20.91 -3.88
C SER A 199 -9.14 -20.15 -2.92
N GLU A 200 -7.83 -20.36 -3.05
CA GLU A 200 -6.88 -19.65 -2.19
C GLU A 200 -6.94 -18.14 -2.46
N LEU A 201 -7.51 -17.77 -3.60
CA LEU A 201 -7.60 -16.35 -3.96
C LEU A 201 -8.83 -15.63 -3.38
N SER A 202 -9.80 -16.37 -2.84
CA SER A 202 -10.99 -15.70 -2.30
C SER A 202 -11.49 -16.24 -0.96
N ALA A 203 -11.13 -17.47 -0.62
CA ALA A 203 -11.55 -18.07 0.64
C ALA A 203 -11.07 -17.30 1.85
N ARG A 204 -11.90 -17.28 2.88
CA ARG A 204 -11.57 -16.59 4.11
C ARG A 204 -10.44 -17.25 4.88
N THR A 205 -9.55 -16.43 5.43
CA THR A 205 -8.43 -16.90 6.24
C THR A 205 -8.43 -16.03 7.48
N ASP A 206 -8.60 -16.63 8.66
CA ASP A 206 -8.65 -15.83 9.88
C ASP A 206 -7.83 -16.33 11.05
N GLN A 207 -7.01 -17.36 10.82
CA GLN A 207 -6.18 -17.90 11.89
C GLN A 207 -4.73 -17.94 11.45
N HIS A 208 -4.04 -16.81 11.64
CA HIS A 208 -2.64 -16.67 11.26
C HIS A 208 -1.80 -17.33 12.34
N LYS A 209 -0.73 -18.02 11.93
CA LYS A 209 0.14 -18.72 12.87
C LYS A 209 1.62 -18.46 12.64
N VAL A 210 2.37 -18.41 13.74
CA VAL A 210 3.81 -18.24 13.66
C VAL A 210 4.42 -19.64 13.75
N TYR A 211 5.33 -19.94 12.84
CA TYR A 211 6.04 -21.22 12.82
C TYR A 211 7.52 -20.93 12.86
N PHE A 212 8.30 -21.94 13.22
CA PHE A 212 9.75 -21.81 13.22
C PHE A 212 10.27 -22.90 12.31
N HIS A 213 11.03 -22.53 11.29
CA HIS A 213 11.60 -23.52 10.39
C HIS A 213 13.06 -23.73 10.75
N ARG A 214 13.40 -24.95 11.13
CA ARG A 214 14.77 -25.29 11.48
C ARG A 214 15.45 -25.78 10.21
N LEU A 215 16.64 -25.26 9.91
CA LEU A 215 17.34 -25.66 8.71
C LEU A 215 17.56 -27.16 8.68
N GLY A 216 17.43 -27.76 7.50
CA GLY A 216 17.65 -29.18 7.35
C GLY A 216 16.46 -30.07 7.65
N THR A 217 15.27 -29.49 7.75
CA THR A 217 14.08 -30.26 8.03
C THR A 217 12.97 -29.97 7.02
N ALA A 218 11.93 -30.80 7.05
CA ALA A 218 10.79 -30.62 6.17
C ALA A 218 9.84 -29.62 6.83
N GLN A 219 9.13 -28.83 6.03
CA GLN A 219 8.21 -27.84 6.55
C GLN A 219 7.13 -28.47 7.44
N GLU A 220 6.71 -29.68 7.11
CA GLU A 220 5.69 -30.34 7.90
C GLU A 220 6.11 -30.52 9.36
N ASP A 221 7.43 -30.50 9.60
CA ASP A 221 7.95 -30.65 10.95
C ASP A 221 8.19 -29.30 11.64
N ASP A 222 7.84 -28.20 10.98
CA ASP A 222 8.03 -26.89 11.59
C ASP A 222 7.28 -26.79 12.91
N ARG A 223 7.93 -26.18 13.90
CA ARG A 223 7.34 -26.01 15.22
C ARG A 223 6.33 -24.87 15.23
N LEU A 224 5.14 -25.14 15.77
CA LEU A 224 4.10 -24.11 15.84
C LEU A 224 4.45 -23.27 17.08
N VAL A 225 4.69 -21.98 16.86
CA VAL A 225 5.07 -21.08 17.94
C VAL A 225 3.91 -20.31 18.57
N PHE A 226 2.99 -19.81 17.76
CA PHE A 226 1.90 -19.01 18.27
C PHE A 226 0.72 -19.02 17.33
N GLY A 227 -0.48 -18.93 17.89
CA GLY A 227 -1.68 -18.84 17.09
C GLY A 227 -2.54 -20.08 16.90
N ALA A 228 -2.09 -21.23 17.40
CA ALA A 228 -2.87 -22.45 17.25
C ALA A 228 -3.92 -22.66 18.34
N ILE A 229 -3.52 -22.54 19.60
CA ILE A 229 -4.47 -22.74 20.69
C ILE A 229 -5.52 -21.63 20.65
N PRO A 230 -6.78 -21.98 20.95
CA PRO A 230 -7.91 -21.04 20.95
C PRO A 230 -7.58 -19.67 21.50
N ALA A 231 -6.96 -19.63 22.68
CA ALA A 231 -6.60 -18.37 23.30
C ALA A 231 -5.69 -17.49 22.45
N GLN A 232 -5.05 -18.06 21.44
CA GLN A 232 -4.13 -17.28 20.61
C GLN A 232 -4.61 -17.00 19.17
N HIS A 233 -5.84 -17.39 18.84
CA HIS A 233 -6.38 -17.16 17.50
C HIS A 233 -6.43 -15.69 17.16
N HIS A 234 -5.77 -15.33 16.06
CA HIS A 234 -5.74 -13.95 15.56
C HIS A 234 -5.64 -13.97 14.06
N ARG A 235 -6.22 -12.95 13.42
CA ARG A 235 -6.19 -12.84 11.97
C ARG A 235 -4.80 -12.48 11.43
N TYR A 236 -4.01 -11.80 12.25
CA TYR A 236 -2.67 -11.36 11.85
C TYR A 236 -1.68 -11.57 12.98
N VAL A 237 -0.57 -12.25 12.72
CA VAL A 237 0.44 -12.46 13.77
C VAL A 237 1.82 -12.30 13.15
N GLY A 238 2.77 -11.82 13.95
CA GLY A 238 4.12 -11.63 13.47
C GLY A 238 5.11 -11.89 14.58
N ALA A 239 6.28 -12.41 14.24
CA ALA A 239 7.30 -12.72 15.24
C ALA A 239 8.65 -12.21 14.78
N THR A 240 9.33 -11.47 15.65
CA THR A 240 10.64 -10.94 15.29
C THR A 240 11.64 -11.12 16.44
N VAL A 241 12.85 -11.57 16.10
CA VAL A 241 13.92 -11.74 17.06
C VAL A 241 14.68 -10.41 17.05
N THR A 242 14.98 -9.87 18.21
CA THR A 242 15.70 -8.60 18.26
C THR A 242 17.11 -8.75 17.71
N GLU A 243 17.72 -7.63 17.35
CA GLU A 243 19.06 -7.56 16.79
C GLU A 243 20.08 -8.35 17.62
N ASP A 244 20.05 -8.17 18.94
CA ASP A 244 20.98 -8.86 19.82
C ASP A 244 20.59 -10.30 20.16
N GLN A 245 19.56 -10.82 19.49
CA GLN A 245 19.12 -12.19 19.71
C GLN A 245 18.59 -12.43 21.13
N ARG A 246 18.40 -11.38 21.92
CA ARG A 246 17.93 -11.62 23.27
C ARG A 246 16.43 -11.82 23.47
N PHE A 247 15.61 -11.17 22.64
CA PHE A 247 14.16 -11.26 22.80
C PHE A 247 13.41 -11.64 21.53
N LEU A 248 12.26 -12.28 21.72
CA LEU A 248 11.38 -12.65 20.63
C LEU A 248 10.12 -11.83 20.88
N LEU A 249 9.72 -11.00 19.93
CA LEU A 249 8.51 -10.20 20.08
C LEU A 249 7.43 -10.78 19.17
N ILE A 250 6.24 -11.00 19.72
CA ILE A 250 5.14 -11.53 18.94
C ILE A 250 3.98 -10.53 18.97
N SER A 251 3.57 -10.07 17.80
CA SER A 251 2.46 -9.13 17.71
C SER A 251 1.27 -9.93 17.21
N ALA A 252 0.07 -9.55 17.64
CA ALA A 252 -1.13 -10.27 17.25
C ALA A 252 -2.30 -9.31 17.11
N ALA A 253 -3.03 -9.42 16.01
CA ALA A 253 -4.15 -8.52 15.77
C ALA A 253 -5.29 -9.17 15.02
N ASN A 254 -6.47 -8.55 15.11
CA ASN A 254 -7.62 -9.04 14.38
C ASN A 254 -8.00 -8.02 13.30
N SER A 255 -7.52 -6.79 13.45
CA SER A 255 -7.83 -5.75 12.45
C SER A 255 -6.57 -4.97 12.10
N THR A 256 -6.68 -4.05 11.14
CA THR A 256 -5.54 -3.25 10.70
C THR A 256 -5.17 -2.15 11.69
N SER A 257 -5.96 -2.00 12.76
CA SER A 257 -5.66 -1.02 13.81
C SER A 257 -5.75 -1.72 15.15
N GLY A 258 -4.71 -1.56 15.98
CA GLY A 258 -4.70 -2.17 17.29
C GLY A 258 -4.02 -3.52 17.28
N ASN A 259 -3.22 -3.80 18.29
CA ASN A 259 -2.55 -5.09 18.36
C ASN A 259 -2.05 -5.41 19.75
N ARG A 260 -1.97 -6.71 20.04
CA ARG A 260 -1.42 -7.18 21.30
C ARG A 260 0.06 -7.38 21.00
N LEU A 261 0.88 -7.36 22.04
CA LEU A 261 2.32 -7.54 21.86
C LEU A 261 2.85 -8.34 23.05
N TYR A 262 3.63 -9.38 22.75
CA TYR A 262 4.21 -10.25 23.78
C TYR A 262 5.71 -10.30 23.59
N VAL A 263 6.43 -10.52 24.69
CA VAL A 263 7.88 -10.60 24.64
C VAL A 263 8.37 -11.84 25.39
N LYS A 264 9.33 -12.54 24.81
CA LYS A 264 9.89 -13.74 25.41
C LYS A 264 11.40 -13.58 25.52
N ASP A 265 11.92 -13.71 26.73
CA ASP A 265 13.36 -13.58 26.96
C ASP A 265 14.04 -14.86 26.47
N LEU A 266 14.79 -14.76 25.38
CA LEU A 266 15.46 -15.93 24.81
C LEU A 266 16.70 -16.32 25.60
N SER A 267 17.13 -15.45 26.50
CA SER A 267 18.31 -15.71 27.33
C SER A 267 17.96 -16.73 28.40
N GLN A 268 16.70 -16.71 28.82
CA GLN A 268 16.22 -17.64 29.86
C GLN A 268 15.56 -18.85 29.23
N GLU A 269 15.94 -20.04 29.70
CA GLU A 269 15.38 -21.28 29.18
C GLU A 269 13.92 -21.42 29.63
N ASN A 270 13.06 -21.79 28.68
CA ASN A 270 11.63 -21.96 28.96
C ASN A 270 11.00 -20.67 29.47
N ALA A 271 11.58 -19.53 29.10
CA ALA A 271 11.06 -18.23 29.53
C ALA A 271 9.62 -18.09 29.07
N PRO A 272 8.75 -17.57 29.94
CA PRO A 272 7.34 -17.39 29.59
C PRO A 272 7.11 -16.18 28.69
N LEU A 273 5.98 -16.18 27.99
CA LEU A 273 5.61 -15.06 27.13
C LEU A 273 5.02 -14.00 28.05
N LEU A 274 5.68 -12.85 28.14
CA LEU A 274 5.18 -11.75 28.96
C LEU A 274 4.36 -10.81 28.08
N THR A 275 3.33 -10.21 28.67
CA THR A 275 2.44 -9.30 27.95
C THR A 275 2.91 -7.85 27.95
N VAL A 276 3.26 -7.32 26.79
CA VAL A 276 3.67 -5.92 26.67
C VAL A 276 2.37 -5.12 26.61
N GLN A 277 1.41 -5.61 25.82
CA GLN A 277 0.08 -5.03 25.73
C GLN A 277 -0.89 -6.17 25.47
N GLY A 278 -1.86 -6.35 26.36
CA GLY A 278 -2.78 -7.45 26.22
C GLY A 278 -4.10 -7.18 25.55
N ASP A 279 -4.38 -5.92 25.23
CA ASP A 279 -5.62 -5.58 24.56
C ASP A 279 -5.35 -5.02 23.17
N LEU A 280 -6.42 -4.76 22.41
CA LEU A 280 -6.34 -4.25 21.05
C LEU A 280 -6.74 -2.78 20.95
N ASP A 281 -6.74 -2.08 22.08
CA ASP A 281 -7.15 -0.67 22.08
C ASP A 281 -6.11 0.34 21.58
N ALA A 282 -4.94 -0.14 21.19
CA ALA A 282 -3.90 0.74 20.69
C ALA A 282 -2.90 -0.02 19.84
N ASP A 283 -2.18 0.72 19.01
CA ASP A 283 -1.14 0.13 18.20
C ASP A 283 0.16 0.26 19.02
N VAL A 284 0.96 -0.79 19.04
CA VAL A 284 2.24 -0.73 19.74
C VAL A 284 3.24 -1.60 18.98
N SER A 285 4.42 -1.06 18.72
CA SER A 285 5.44 -1.80 18.01
C SER A 285 6.80 -1.52 18.63
N LEU A 286 7.70 -2.48 18.53
CA LEU A 286 9.04 -2.35 19.07
C LEU A 286 9.91 -1.63 18.06
N VAL A 287 10.54 -0.55 18.49
CA VAL A 287 11.44 0.19 17.62
C VAL A 287 12.82 -0.44 17.74
N ASP A 288 13.24 -0.74 18.96
CA ASP A 288 14.53 -1.35 19.21
C ASP A 288 14.62 -1.68 20.69
N ASN A 289 15.72 -2.30 21.10
CA ASN A 289 15.92 -2.59 22.50
C ASN A 289 17.38 -2.34 22.82
N LYS A 290 17.63 -1.93 24.06
CA LYS A 290 19.00 -1.70 24.51
C LYS A 290 19.06 -2.51 25.79
N GLY A 291 19.62 -3.70 25.70
CA GLY A 291 19.67 -4.56 26.86
C GLY A 291 18.24 -5.00 27.11
N SER A 292 17.79 -4.98 28.36
CA SER A 292 16.43 -5.39 28.67
C SER A 292 15.42 -4.25 28.53
N THR A 293 15.88 -3.09 28.05
CA THR A 293 14.99 -1.94 27.89
C THR A 293 14.37 -1.95 26.50
N LEU A 294 13.04 -1.98 26.45
CA LEU A 294 12.33 -1.99 25.18
C LEU A 294 11.89 -0.57 24.80
N TYR A 295 12.05 -0.20 23.53
CA TYR A 295 11.64 1.10 23.03
C TYR A 295 10.43 0.84 22.15
N LEU A 296 9.29 1.34 22.59
CA LEU A 296 8.02 1.10 21.92
C LEU A 296 7.35 2.34 21.37
N LEU A 297 6.89 2.26 20.11
CA LEU A 297 6.16 3.36 19.48
C LEU A 297 4.69 2.99 19.67
N THR A 298 3.89 3.91 20.18
CA THR A 298 2.48 3.59 20.44
C THR A 298 1.53 4.78 20.37
N ASN A 299 0.25 4.51 20.13
CA ASN A 299 -0.74 5.58 20.16
C ASN A 299 -1.62 5.37 21.39
N ARG A 300 -1.16 4.53 22.32
CA ARG A 300 -1.93 4.31 23.54
C ARG A 300 -1.88 5.61 24.33
N ASP A 301 -3.05 6.20 24.59
CA ASP A 301 -3.13 7.48 25.30
C ASP A 301 -2.34 8.56 24.55
N ALA A 302 -2.16 8.38 23.24
CA ALA A 302 -1.42 9.34 22.44
C ALA A 302 -1.87 9.31 20.97
N PRO A 303 -2.92 10.08 20.64
CA PRO A 303 -3.45 10.14 19.27
C PRO A 303 -2.39 10.39 18.19
N ASN A 304 -1.38 11.20 18.48
CA ASN A 304 -0.34 11.49 17.52
C ASN A 304 0.93 10.65 17.71
N ARG A 305 0.81 9.65 18.59
CA ARG A 305 1.87 8.71 18.94
C ARG A 305 2.96 9.27 19.81
N ARG A 306 3.61 8.36 20.52
CA ARG A 306 4.70 8.70 21.43
C ARG A 306 5.65 7.51 21.49
N LEU A 307 6.88 7.75 21.95
CA LEU A 307 7.85 6.66 22.10
C LEU A 307 8.03 6.48 23.60
N VAL A 308 7.89 5.24 24.07
CA VAL A 308 8.02 4.95 25.50
C VAL A 308 9.04 3.84 25.71
N THR A 309 9.49 3.66 26.94
CA THR A 309 10.42 2.59 27.27
C THR A 309 9.85 1.80 28.42
N VAL A 310 10.28 0.55 28.53
CA VAL A 310 9.84 -0.31 29.62
C VAL A 310 10.81 -1.48 29.69
N ASP A 311 11.02 -2.02 30.89
CA ASP A 311 11.92 -3.16 31.03
C ASP A 311 11.18 -4.41 30.60
N ALA A 312 11.84 -5.26 29.82
CA ALA A 312 11.21 -6.47 29.32
C ALA A 312 10.74 -7.45 30.39
N ALA A 313 11.31 -7.35 31.59
CA ALA A 313 10.94 -8.23 32.70
C ALA A 313 9.54 -7.96 33.28
N ASN A 314 9.03 -6.75 33.08
CA ASN A 314 7.70 -6.38 33.57
C ASN A 314 7.25 -5.25 32.62
N PRO A 315 7.03 -5.63 31.35
CA PRO A 315 6.64 -4.79 30.22
C PRO A 315 5.23 -4.23 30.05
N GLY A 316 4.33 -4.46 30.98
CA GLY A 316 2.97 -3.95 30.86
C GLY A 316 2.82 -2.45 30.71
N PRO A 317 1.70 -1.97 30.11
CA PRO A 317 1.41 -0.55 29.90
C PRO A 317 1.48 0.34 31.15
N ALA A 318 1.15 -0.22 32.31
CA ALA A 318 1.19 0.55 33.56
C ALA A 318 2.62 0.99 33.86
N HIS A 319 3.59 0.31 33.25
CA HIS A 319 5.00 0.63 33.49
C HIS A 319 5.70 1.40 32.36
N TRP A 320 4.99 1.68 31.27
CA TRP A 320 5.62 2.42 30.18
C TRP A 320 5.95 3.84 30.62
N ARG A 321 7.13 4.33 30.22
CA ARG A 321 7.55 5.68 30.57
C ARG A 321 7.90 6.44 29.29
N ASP A 322 7.39 7.66 29.15
CA ASP A 322 7.67 8.47 27.96
C ASP A 322 9.15 8.71 27.75
N LEU A 323 9.60 8.60 26.50
CA LEU A 323 10.99 8.87 26.12
C LEU A 323 10.88 10.07 25.17
N ILE A 324 9.94 9.99 24.23
CA ILE A 324 9.65 11.10 23.32
C ILE A 324 8.15 11.29 23.48
N PRO A 325 7.74 12.27 24.28
CA PRO A 325 6.31 12.55 24.53
C PRO A 325 5.58 12.93 23.26
N GLU A 326 4.27 12.71 23.26
CA GLU A 326 3.41 13.04 22.14
C GLU A 326 3.43 14.55 21.88
N ARG A 327 3.35 14.93 20.61
CA ARG A 327 3.34 16.33 20.21
C ARG A 327 2.10 16.54 19.31
N GLN A 328 1.93 17.73 18.75
CA GLN A 328 0.82 18.05 17.86
C GLN A 328 0.98 17.37 16.49
N GLN A 329 2.21 16.97 16.16
CA GLN A 329 2.47 16.31 14.89
C GLN A 329 2.63 14.81 15.10
N VAL A 330 2.20 14.04 14.11
CA VAL A 330 2.30 12.58 14.16
C VAL A 330 3.76 12.13 14.14
N LEU A 331 4.07 11.19 15.02
CA LEU A 331 5.43 10.65 15.16
C LEU A 331 5.63 9.24 14.59
N THR A 332 6.77 9.03 13.96
CA THR A 332 7.20 7.74 13.46
C THR A 332 8.66 7.70 13.92
N VAL A 333 9.13 6.54 14.37
CA VAL A 333 10.51 6.45 14.85
C VAL A 333 11.32 5.37 14.12
N HIS A 334 12.52 5.77 13.67
CA HIS A 334 13.44 4.88 12.98
C HIS A 334 14.68 4.80 13.87
N SER A 335 15.43 3.72 13.79
CA SER A 335 16.64 3.62 14.60
C SER A 335 17.80 3.17 13.73
N GLY A 336 18.99 3.66 14.05
CA GLY A 336 20.17 3.30 13.29
C GLY A 336 21.42 3.96 13.83
N SER A 337 22.53 3.23 13.77
CA SER A 337 23.82 3.75 14.21
C SER A 337 23.84 4.25 15.65
N GLY A 338 23.00 3.65 16.50
CA GLY A 338 22.96 4.07 17.88
C GLY A 338 22.14 5.31 18.17
N TYR A 339 21.28 5.71 17.23
CA TYR A 339 20.43 6.87 17.43
C TYR A 339 18.99 6.55 17.06
N LEU A 340 18.07 7.38 17.56
CA LEU A 340 16.65 7.24 17.28
C LEU A 340 16.30 8.43 16.38
N PHE A 341 15.60 8.17 15.28
CA PHE A 341 15.23 9.25 14.39
C PHE A 341 13.73 9.42 14.41
N ALA A 342 13.30 10.56 14.96
CA ALA A 342 11.88 10.88 15.07
C ALA A 342 11.47 11.62 13.81
N GLU A 343 10.60 10.99 13.03
CA GLU A 343 10.13 11.62 11.82
C GLU A 343 8.75 12.16 12.11
N TYR A 344 8.57 13.46 11.91
CA TYR A 344 7.28 14.08 12.17
C TYR A 344 6.63 14.49 10.86
N MET A 345 5.30 14.43 10.85
CA MET A 345 4.54 14.82 9.68
C MET A 345 4.01 16.23 9.89
N VAL A 346 4.45 17.16 9.05
CA VAL A 346 4.01 18.54 9.10
C VAL A 346 3.19 18.75 7.85
N ASP A 347 1.87 18.75 8.00
CA ASP A 347 0.95 18.90 6.88
C ASP A 347 1.36 17.95 5.75
N ALA A 348 1.50 16.68 6.13
CA ALA A 348 1.85 15.61 5.20
C ALA A 348 3.28 15.61 4.66
N THR A 349 4.15 16.50 5.16
CA THR A 349 5.55 16.50 4.69
C THR A 349 6.45 16.17 5.88
N ALA A 350 7.61 15.58 5.59
CA ALA A 350 8.52 15.14 6.63
C ALA A 350 9.48 16.15 7.26
N ARG A 351 9.78 15.91 8.52
CA ARG A 351 10.76 16.68 9.30
C ARG A 351 11.41 15.58 10.12
N VAL A 352 12.71 15.66 10.34
CA VAL A 352 13.41 14.62 11.08
C VAL A 352 14.26 15.20 12.20
N GLU A 353 14.14 14.60 13.39
CA GLU A 353 14.92 14.99 14.56
C GLU A 353 15.69 13.78 15.07
N GLN A 354 16.96 13.98 15.40
CA GLN A 354 17.83 12.91 15.89
C GLN A 354 17.91 12.92 17.42
N PHE A 355 17.64 11.78 18.05
CA PHE A 355 17.68 11.65 19.52
C PHE A 355 18.64 10.54 19.92
N ASP A 356 19.18 10.61 21.14
CA ASP A 356 20.03 9.53 21.62
C ASP A 356 19.08 8.59 22.36
N TYR A 357 19.56 7.43 22.79
CA TYR A 357 18.68 6.50 23.46
C TYR A 357 18.22 6.89 24.85
N GLU A 358 18.68 8.04 25.34
CA GLU A 358 18.26 8.55 26.63
C GLU A 358 17.16 9.58 26.41
N GLY A 359 16.81 9.82 25.15
CA GLY A 359 15.76 10.78 24.84
C GLY A 359 16.23 12.21 24.69
N LYS A 360 17.53 12.42 24.65
CA LYS A 360 18.08 13.76 24.49
C LYS A 360 18.17 14.12 23.02
N ARG A 361 17.65 15.30 22.67
CA ARG A 361 17.68 15.76 21.29
C ARG A 361 19.11 16.12 20.86
N VAL A 362 19.56 15.50 19.77
CA VAL A 362 20.89 15.77 19.25
C VAL A 362 20.85 16.93 18.26
N ARG A 363 19.96 16.86 17.29
CA ARG A 363 19.85 17.89 16.29
C ARG A 363 18.68 17.61 15.36
N GLU A 364 18.27 18.61 14.59
CA GLU A 364 17.24 18.38 13.60
C GLU A 364 18.03 18.04 12.35
N VAL A 365 17.54 17.09 11.55
CA VAL A 365 18.25 16.71 10.32
C VAL A 365 17.63 17.53 9.18
N ALA A 366 18.43 18.42 8.59
CA ALA A 366 17.92 19.26 7.51
C ALA A 366 17.61 18.43 6.28
N LEU A 367 16.42 18.60 5.72
CA LEU A 367 16.05 17.85 4.53
C LEU A 367 16.12 18.76 3.31
N PRO A 368 16.31 18.18 2.12
CA PRO A 368 16.41 18.91 0.85
C PRO A 368 15.20 19.76 0.46
N GLY A 369 14.08 19.60 1.18
CA GLY A 369 12.90 20.37 0.85
C GLY A 369 11.65 19.81 1.51
N LEU A 370 10.49 20.01 0.89
CA LEU A 370 9.22 19.53 1.42
C LEU A 370 8.77 18.30 0.65
N GLY A 371 8.76 17.16 1.33
CA GLY A 371 8.36 15.94 0.67
C GLY A 371 8.36 14.75 1.60
N SER A 372 8.78 13.60 1.09
CA SER A 372 8.82 12.40 1.91
C SER A 372 10.24 11.89 2.01
N VAL A 373 10.54 11.20 3.10
CA VAL A 373 11.87 10.65 3.28
C VAL A 373 11.76 9.16 3.50
N SER A 374 12.83 8.45 3.18
CA SER A 374 12.87 7.02 3.37
C SER A 374 14.25 6.75 3.94
N GLY A 375 14.39 5.69 4.72
CA GLY A 375 15.70 5.41 5.29
C GLY A 375 15.80 5.80 6.75
N PHE A 376 17.01 6.14 7.18
CA PHE A 376 17.25 6.49 8.58
C PHE A 376 17.10 5.22 9.41
N ASN A 377 17.12 4.08 8.75
CA ASN A 377 16.99 2.81 9.43
C ASN A 377 18.26 2.00 9.21
N GLY A 378 18.76 1.41 10.28
CA GLY A 378 19.98 0.62 10.15
C GLY A 378 20.30 -0.06 11.45
N TYR A 379 21.42 -0.78 11.46
CA TYR A 379 21.84 -1.49 12.65
C TYR A 379 22.69 -0.56 13.51
N TRP A 380 22.80 -0.92 14.79
CA TRP A 380 23.59 -0.14 15.74
C TRP A 380 25.03 -0.03 15.23
N TRP A 381 25.48 -1.05 14.50
CA TRP A 381 26.85 -1.09 14.01
C TRP A 381 27.10 -0.47 12.63
N ASP A 382 26.09 0.22 12.08
CA ASP A 382 26.28 0.85 10.78
C ASP A 382 27.01 2.17 10.96
N PRO A 383 28.17 2.33 10.33
CA PRO A 383 28.97 3.55 10.44
C PRO A 383 28.26 4.76 9.83
N ALA A 384 27.42 4.51 8.84
CA ALA A 384 26.69 5.58 8.16
C ALA A 384 25.27 5.16 7.81
N LEU A 385 24.38 6.13 7.68
CA LEU A 385 23.00 5.85 7.32
C LEU A 385 22.71 6.54 6.00
N TYR A 386 21.72 6.04 5.30
CA TYR A 386 21.34 6.61 4.02
C TYR A 386 19.88 6.97 4.11
N PHE A 387 19.48 8.03 3.41
CA PHE A 387 18.07 8.39 3.38
C PHE A 387 17.77 8.91 1.99
N GLY A 388 16.52 8.72 1.57
CA GLY A 388 16.13 9.20 0.27
C GLY A 388 15.12 10.31 0.46
N PHE A 389 15.06 11.22 -0.52
CA PHE A 389 14.10 12.34 -0.48
C PHE A 389 13.41 12.43 -1.83
N GLU A 390 12.11 12.71 -1.81
CA GLU A 390 11.35 12.84 -3.05
C GLU A 390 10.03 13.57 -2.79
N ASN A 391 9.41 14.06 -3.86
CA ASN A 391 8.08 14.65 -3.78
C ASN A 391 7.48 14.53 -5.18
N TYR A 392 6.31 15.12 -5.43
CA TYR A 392 5.69 14.96 -6.74
C TYR A 392 6.50 15.47 -7.93
N ALA A 393 7.37 16.45 -7.70
CA ALA A 393 8.19 16.99 -8.78
C ALA A 393 9.66 16.63 -8.63
N GLN A 394 10.01 15.92 -7.57
CA GLN A 394 11.40 15.58 -7.35
C GLN A 394 11.68 14.09 -7.30
N PRO A 395 12.36 13.55 -8.34
CA PRO A 395 12.68 12.13 -8.37
C PRO A 395 13.57 11.77 -7.17
N PRO A 396 13.44 10.54 -6.65
CA PRO A 396 14.22 10.06 -5.51
C PRO A 396 15.71 10.37 -5.60
N THR A 397 16.23 10.98 -4.54
CA THR A 397 17.64 11.34 -4.45
C THR A 397 18.17 10.71 -3.15
N LEU A 398 19.32 10.04 -3.23
CA LEU A 398 19.89 9.40 -2.05
C LEU A 398 21.00 10.21 -1.44
N TYR A 399 20.99 10.29 -0.11
CA TYR A 399 21.99 11.03 0.65
C TYR A 399 22.62 10.14 1.71
N ARG A 400 23.89 10.40 2.01
CA ARG A 400 24.60 9.65 3.04
C ARG A 400 24.59 10.55 4.26
N PHE A 401 24.34 9.96 5.42
CA PHE A 401 24.28 10.73 6.66
C PHE A 401 25.18 10.09 7.69
N GLU A 402 26.15 10.86 8.21
CA GLU A 402 27.07 10.36 9.23
C GLU A 402 26.47 10.90 10.53
N PRO A 403 25.78 10.03 11.30
CA PRO A 403 25.11 10.35 12.57
C PRO A 403 25.90 11.08 13.64
N LYS A 404 27.17 10.77 13.81
CA LYS A 404 27.93 11.47 14.84
C LYS A 404 28.22 12.94 14.52
N SER A 405 28.80 13.23 13.36
CA SER A 405 29.09 14.60 12.92
C SER A 405 27.86 15.29 12.36
N GLY A 406 26.93 14.47 11.87
CA GLY A 406 25.71 15.02 11.30
C GLY A 406 25.94 15.45 9.87
N ALA A 407 27.06 15.04 9.31
CA ALA A 407 27.43 15.39 7.93
C ALA A 407 26.52 14.74 6.92
N ILE A 408 25.96 15.55 6.02
CA ILE A 408 25.08 15.05 4.96
C ILE A 408 25.77 15.23 3.61
N SER A 409 25.78 14.18 2.79
CA SER A 409 26.39 14.29 1.47
C SER A 409 25.54 13.58 0.44
N LEU A 410 25.67 14.00 -0.82
CA LEU A 410 24.90 13.40 -1.90
C LEU A 410 25.50 12.03 -2.21
N TYR A 411 24.69 10.97 -2.10
CA TYR A 411 25.16 9.64 -2.40
C TYR A 411 24.86 9.34 -3.86
N ARG A 412 23.63 9.62 -4.29
CA ARG A 412 23.28 9.39 -5.68
C ARG A 412 22.17 10.32 -6.17
N ALA A 413 22.49 11.13 -7.18
CA ALA A 413 21.53 12.04 -7.77
C ALA A 413 20.65 11.19 -8.70
N SER A 414 19.43 11.64 -8.96
CA SER A 414 18.53 10.90 -9.84
C SER A 414 18.99 11.03 -11.28
N ALA A 415 18.82 9.96 -12.06
CA ALA A 415 19.19 10.00 -13.47
C ALA A 415 17.93 10.22 -14.31
N ALA A 416 16.81 10.55 -13.66
CA ALA A 416 15.54 10.76 -14.35
C ALA A 416 15.58 11.96 -15.28
N PRO A 417 14.85 11.90 -16.42
CA PRO A 417 14.79 12.99 -17.40
C PRO A 417 13.74 14.03 -17.03
N PHE A 418 13.51 14.22 -15.75
CA PHE A 418 12.53 15.22 -15.30
C PHE A 418 13.27 16.33 -14.56
N LYS A 419 12.93 17.57 -14.86
CA LYS A 419 13.58 18.70 -14.17
C LYS A 419 12.60 19.28 -13.14
N PRO A 420 12.91 19.13 -11.84
CA PRO A 420 12.05 19.64 -10.77
C PRO A 420 11.59 21.08 -10.98
N GLU A 421 12.50 21.91 -11.45
CA GLU A 421 12.19 23.33 -11.68
C GLU A 421 11.12 23.60 -12.74
N ASP A 422 10.70 22.57 -13.49
CA ASP A 422 9.68 22.78 -14.51
C ASP A 422 8.27 22.69 -13.96
N TYR A 423 8.16 22.28 -12.70
CA TYR A 423 6.86 22.07 -12.08
C TYR A 423 6.57 22.90 -10.85
N VAL A 424 5.28 22.97 -10.54
CA VAL A 424 4.78 23.64 -9.35
C VAL A 424 4.09 22.52 -8.57
N SER A 425 4.25 22.53 -7.25
CA SER A 425 3.58 21.56 -6.40
C SER A 425 3.16 22.41 -5.19
N GLU A 426 1.91 22.87 -5.19
CA GLU A 426 1.45 23.75 -4.12
C GLU A 426 0.42 23.14 -3.18
N GLN A 427 0.52 23.48 -1.91
CA GLN A 427 -0.40 22.95 -0.91
C GLN A 427 -1.44 23.95 -0.50
N ARG A 428 -2.70 23.54 -0.54
CA ARG A 428 -3.80 24.39 -0.14
C ARG A 428 -4.64 23.59 0.86
N PHE A 429 -5.46 24.29 1.64
CA PHE A 429 -6.33 23.64 2.61
C PHE A 429 -7.74 24.16 2.28
N TYR A 430 -8.58 23.28 1.75
CA TYR A 430 -9.94 23.65 1.37
C TYR A 430 -10.92 23.28 2.47
N GLN A 431 -12.10 23.86 2.42
CA GLN A 431 -13.10 23.62 3.45
C GLN A 431 -14.07 22.52 3.05
N SER A 432 -14.24 21.52 3.92
CA SER A 432 -15.17 20.43 3.63
C SER A 432 -16.55 20.88 4.09
N LYS A 433 -17.56 20.08 3.78
CA LYS A 433 -18.94 20.39 4.13
C LYS A 433 -19.14 20.85 5.57
N ASP A 434 -18.54 20.13 6.53
CA ASP A 434 -18.70 20.50 7.93
C ASP A 434 -17.73 21.58 8.42
N GLY A 435 -16.99 22.19 7.50
CA GLY A 435 -16.06 23.25 7.89
C GLY A 435 -14.62 22.83 8.09
N THR A 436 -14.36 21.54 8.19
CA THR A 436 -13.00 21.06 8.40
C THR A 436 -12.09 21.48 7.24
N ARG A 437 -10.88 21.94 7.54
CA ARG A 437 -9.93 22.32 6.49
C ARG A 437 -9.14 21.04 6.18
N VAL A 438 -9.10 20.68 4.90
CA VAL A 438 -8.42 19.48 4.43
C VAL A 438 -7.27 19.82 3.49
N PRO A 439 -6.10 19.19 3.68
CA PRO A 439 -4.95 19.48 2.80
C PRO A 439 -5.12 18.91 1.39
N LEU A 440 -4.58 19.64 0.43
CA LEU A 440 -4.62 19.25 -0.98
C LEU A 440 -3.30 19.73 -1.61
N ILE A 441 -2.56 18.83 -2.25
CA ILE A 441 -1.32 19.21 -2.91
C ILE A 441 -1.60 19.10 -4.41
N ILE A 442 -1.44 20.21 -5.10
CA ILE A 442 -1.73 20.32 -6.52
C ILE A 442 -0.45 20.51 -7.31
N SER A 443 -0.20 19.63 -8.26
CA SER A 443 1.03 19.69 -9.05
C SER A 443 0.76 19.82 -10.53
N TYR A 444 1.62 20.56 -11.21
CA TYR A 444 1.47 20.80 -12.64
C TYR A 444 2.69 21.49 -13.20
N ARG A 445 2.77 21.55 -14.53
CA ARG A 445 3.89 22.21 -15.19
C ARG A 445 3.71 23.71 -15.04
N LYS A 446 4.81 24.43 -14.84
CA LYS A 446 4.75 25.89 -14.72
C LYS A 446 4.17 26.46 -16.02
N GLY A 447 3.44 27.57 -15.90
CA GLY A 447 2.85 28.19 -17.07
C GLY A 447 1.36 27.95 -17.13
N LEU A 448 0.85 27.19 -16.16
CA LEU A 448 -0.56 26.86 -16.08
C LEU A 448 -1.43 28.09 -15.89
N LYS A 449 -2.57 28.12 -16.59
CA LYS A 449 -3.52 29.22 -16.46
C LYS A 449 -4.75 28.68 -15.73
N LEU A 450 -5.29 29.47 -14.81
CA LEU A 450 -6.47 29.04 -14.05
C LEU A 450 -7.73 29.46 -14.79
N ASP A 451 -7.86 28.95 -16.01
CA ASP A 451 -9.01 29.25 -16.85
C ASP A 451 -10.03 28.12 -16.85
N GLY A 452 -9.89 27.20 -15.90
CA GLY A 452 -10.81 26.08 -15.77
C GLY A 452 -10.76 25.03 -16.87
N SER A 453 -9.72 25.01 -17.68
CA SER A 453 -9.68 24.05 -18.77
C SER A 453 -8.68 22.91 -18.64
N ASN A 454 -7.87 22.92 -17.61
CA ASN A 454 -6.84 21.89 -17.48
C ASN A 454 -7.36 20.50 -17.13
N PRO A 455 -6.96 19.49 -17.92
CA PRO A 455 -7.39 18.11 -17.64
C PRO A 455 -6.77 17.77 -16.29
N THR A 456 -7.60 17.35 -15.35
CA THR A 456 -7.17 17.11 -13.98
C THR A 456 -7.53 15.76 -13.40
N ILE A 457 -6.60 15.18 -12.63
CA ILE A 457 -6.87 13.93 -11.96
C ILE A 457 -6.80 14.23 -10.46
N LEU A 458 -7.91 14.00 -9.77
CA LEU A 458 -8.02 14.20 -8.32
C LEU A 458 -7.89 12.81 -7.71
N TYR A 459 -6.91 12.65 -6.83
CA TYR A 459 -6.62 11.37 -6.19
C TYR A 459 -6.80 11.41 -4.68
N GLY A 460 -7.30 10.32 -4.11
CA GLY A 460 -7.50 10.25 -2.68
C GLY A 460 -7.53 8.82 -2.20
N TYR A 461 -7.50 8.61 -0.89
CA TYR A 461 -7.56 7.25 -0.33
C TYR A 461 -8.57 7.44 0.80
N GLY A 462 -8.11 7.99 1.92
CA GLY A 462 -9.01 8.28 3.03
C GLY A 462 -9.44 7.16 3.95
N GLY A 463 -8.48 6.60 4.67
CA GLY A 463 -8.83 5.53 5.59
C GLY A 463 -7.61 4.77 6.07
N PHE A 464 -7.84 3.92 7.06
CA PHE A 464 -6.82 3.04 7.61
C PHE A 464 -5.58 3.68 8.19
N ASP A 465 -5.69 4.95 8.58
CA ASP A 465 -4.56 5.69 9.16
C ASP A 465 -3.42 5.84 8.17
N VAL A 466 -3.72 5.67 6.89
CA VAL A 466 -2.72 5.81 5.84
C VAL A 466 -2.57 7.30 5.51
N SER A 467 -1.34 7.78 5.43
CA SER A 467 -1.08 9.18 5.11
C SER A 467 -0.54 9.29 3.70
N LEU A 468 -1.13 10.16 2.89
CA LEU A 468 -0.63 10.32 1.52
C LEU A 468 0.43 11.42 1.52
N THR A 469 1.70 11.02 1.67
CA THR A 469 2.79 11.99 1.69
C THR A 469 3.33 12.10 0.25
N PRO A 470 3.97 13.22 -0.10
CA PRO A 470 4.49 13.40 -1.48
C PRO A 470 5.39 12.26 -1.97
N SER A 471 5.11 11.77 -3.17
CA SER A 471 5.93 10.68 -3.70
C SER A 471 6.10 10.91 -5.18
N PHE A 472 7.26 10.52 -5.72
CA PHE A 472 7.48 10.72 -7.13
C PHE A 472 7.01 9.51 -7.91
N SER A 473 6.31 9.78 -9.01
CA SER A 473 5.81 8.75 -9.89
C SER A 473 6.14 9.14 -11.33
N VAL A 474 6.78 8.24 -12.07
CA VAL A 474 7.09 8.54 -13.48
C VAL A 474 5.77 8.73 -14.22
N SER A 475 4.77 7.94 -13.88
CA SER A 475 3.47 8.07 -14.52
C SER A 475 2.85 9.44 -14.23
N VAL A 476 2.87 9.87 -12.98
CA VAL A 476 2.30 11.19 -12.65
C VAL A 476 3.06 12.30 -13.37
N ALA A 477 4.39 12.23 -13.37
CA ALA A 477 5.18 13.27 -14.05
C ALA A 477 4.81 13.35 -15.53
N ASN A 478 4.50 12.21 -16.13
CA ASN A 478 4.10 12.20 -17.54
C ASN A 478 2.75 12.89 -17.72
N TRP A 479 1.84 12.67 -16.77
CA TRP A 479 0.54 13.33 -16.86
C TRP A 479 0.76 14.84 -16.83
N LEU A 480 1.67 15.31 -15.97
CA LEU A 480 1.95 16.74 -15.90
C LEU A 480 2.58 17.22 -17.21
N ASP A 481 3.46 16.41 -17.80
CA ASP A 481 4.09 16.80 -19.07
C ASP A 481 3.07 16.84 -20.21
N LEU A 482 2.00 16.05 -20.10
CA LEU A 482 0.97 16.05 -21.13
C LEU A 482 0.04 17.25 -20.95
N GLY A 483 0.32 18.06 -19.93
CA GLY A 483 -0.48 19.24 -19.66
C GLY A 483 -1.52 19.06 -18.55
N GLY A 484 -1.45 17.94 -17.84
CA GLY A 484 -2.43 17.71 -16.80
C GLY A 484 -2.11 18.28 -15.43
N VAL A 485 -3.12 18.29 -14.57
CA VAL A 485 -2.98 18.73 -13.20
C VAL A 485 -3.23 17.47 -12.36
N TYR A 486 -2.40 17.26 -11.33
CA TYR A 486 -2.56 16.11 -10.44
C TYR A 486 -2.78 16.67 -9.03
N ALA A 487 -3.90 16.32 -8.41
CA ALA A 487 -4.20 16.85 -7.08
C ALA A 487 -4.45 15.70 -6.10
N VAL A 488 -3.76 15.73 -4.98
CA VAL A 488 -3.90 14.67 -3.99
C VAL A 488 -4.49 15.24 -2.71
N ALA A 489 -5.63 14.71 -2.30
CA ALA A 489 -6.31 15.17 -1.09
C ALA A 489 -5.96 14.29 0.11
N ASN A 490 -5.66 14.92 1.24
CA ASN A 490 -5.32 14.20 2.48
C ASN A 490 -6.61 14.13 3.30
N LEU A 491 -7.54 13.35 2.78
CA LEU A 491 -8.85 13.19 3.40
C LEU A 491 -8.83 12.59 4.80
N ARG A 492 -9.87 12.89 5.57
CA ARG A 492 -10.03 12.29 6.89
C ARG A 492 -10.11 10.78 6.63
N GLY A 493 -9.90 9.99 7.69
CA GLY A 493 -9.84 8.55 7.52
C GLY A 493 -8.34 8.23 7.42
N GLY A 494 -7.58 9.19 6.88
CA GLY A 494 -6.14 9.03 6.76
C GLY A 494 -5.45 9.26 8.10
N GLY A 495 -4.12 9.19 8.13
CA GLY A 495 -3.43 9.40 9.40
C GLY A 495 -2.63 10.68 9.48
N GLU A 496 -2.85 11.58 8.52
CA GLU A 496 -2.09 12.84 8.46
C GLU A 496 -2.13 13.65 9.75
N TYR A 497 -3.28 13.66 10.42
CA TYR A 497 -3.39 14.40 11.67
C TYR A 497 -3.72 13.48 12.83
N GLY A 498 -3.12 12.30 12.79
CA GLY A 498 -3.28 11.35 13.88
C GLY A 498 -4.56 10.58 13.96
N GLN A 499 -4.73 9.92 15.10
CA GLN A 499 -5.89 9.08 15.34
C GLN A 499 -7.22 9.81 15.22
N ALA A 500 -7.29 11.07 15.64
CA ALA A 500 -8.55 11.79 15.53
C ALA A 500 -8.94 11.98 14.05
N TRP A 501 -7.95 12.19 13.20
CA TRP A 501 -8.16 12.36 11.76
C TRP A 501 -8.66 11.03 11.17
N HIS A 502 -8.07 9.94 11.63
CA HIS A 502 -8.42 8.61 11.18
C HIS A 502 -9.84 8.24 11.59
N LEU A 503 -10.13 8.33 12.88
CA LEU A 503 -11.45 7.95 13.38
C LEU A 503 -12.60 8.77 12.82
N ALA A 504 -12.33 10.00 12.42
CA ALA A 504 -13.37 10.86 11.85
C ALA A 504 -13.81 10.32 10.48
N GLY A 505 -13.12 9.29 9.98
CA GLY A 505 -13.49 8.72 8.68
C GLY A 505 -13.79 7.23 8.77
N THR A 506 -14.13 6.75 9.96
CA THR A 506 -14.42 5.33 10.12
C THR A 506 -15.87 5.05 10.49
N GLN A 507 -16.28 3.81 10.22
CA GLN A 507 -17.60 3.30 10.50
C GLN A 507 -18.75 4.23 10.16
N GLN A 508 -19.53 4.69 11.15
CA GLN A 508 -20.64 5.57 10.80
C GLN A 508 -20.28 7.02 10.58
N ASN A 509 -18.99 7.28 10.35
CA ASN A 509 -18.50 8.62 10.02
C ASN A 509 -17.84 8.51 8.62
N LYS A 510 -17.92 7.34 7.97
CA LYS A 510 -17.26 7.20 6.66
C LYS A 510 -17.68 8.26 5.63
N GLN A 511 -18.94 8.69 5.69
CA GLN A 511 -19.41 9.70 4.75
C GLN A 511 -18.54 10.97 4.79
N ASN A 512 -17.91 11.26 5.93
CA ASN A 512 -17.05 12.44 6.01
C ASN A 512 -15.94 12.36 4.95
N VAL A 513 -15.44 11.15 4.71
CA VAL A 513 -14.37 10.97 3.73
C VAL A 513 -14.86 11.35 2.34
N PHE A 514 -16.05 10.89 1.98
CA PHE A 514 -16.61 11.18 0.66
C PHE A 514 -16.91 12.67 0.53
N ASP A 515 -17.42 13.28 1.60
CA ASP A 515 -17.71 14.72 1.59
C ASP A 515 -16.42 15.51 1.41
N ASP A 516 -15.35 15.06 2.07
CA ASP A 516 -14.04 15.72 1.92
C ASP A 516 -13.57 15.68 0.45
N PHE A 517 -13.80 14.55 -0.21
CA PHE A 517 -13.35 14.39 -1.60
C PHE A 517 -14.19 15.24 -2.56
N ILE A 518 -15.50 15.28 -2.33
CA ILE A 518 -16.38 16.08 -3.18
C ILE A 518 -15.96 17.56 -3.05
N ALA A 519 -15.63 17.97 -1.83
CA ALA A 519 -15.20 19.34 -1.58
C ALA A 519 -13.87 19.66 -2.28
N ALA A 520 -12.99 18.67 -2.41
CA ALA A 520 -11.72 18.90 -3.09
C ALA A 520 -12.01 19.20 -4.55
N ALA A 521 -12.92 18.42 -5.12
CA ALA A 521 -13.33 18.59 -6.52
C ALA A 521 -13.95 19.98 -6.72
N GLU A 522 -14.78 20.41 -5.77
CA GLU A 522 -15.41 21.73 -5.87
C GLU A 522 -14.38 22.85 -5.78
N TYR A 523 -13.36 22.65 -4.95
CA TYR A 523 -12.30 23.65 -4.79
C TYR A 523 -11.51 23.80 -6.10
N LEU A 524 -11.13 22.68 -6.71
CA LEU A 524 -10.35 22.71 -7.95
C LEU A 524 -11.12 23.44 -9.06
N LYS A 525 -12.44 23.27 -9.09
CA LYS A 525 -13.26 23.95 -10.09
C LYS A 525 -13.42 25.44 -9.76
N ALA A 526 -13.70 25.73 -8.50
CA ALA A 526 -13.90 27.12 -8.07
C ALA A 526 -12.64 27.97 -8.27
N GLU A 527 -11.48 27.38 -8.05
CA GLU A 527 -10.23 28.12 -8.21
C GLU A 527 -9.75 28.22 -9.64
N GLY A 528 -10.43 27.54 -10.55
CA GLY A 528 -10.04 27.63 -11.96
C GLY A 528 -9.02 26.63 -12.47
N TYR A 529 -8.66 25.63 -11.68
CA TYR A 529 -7.71 24.65 -12.18
C TYR A 529 -8.38 23.81 -13.26
N THR A 530 -9.65 23.49 -13.06
CA THR A 530 -10.36 22.63 -13.99
C THR A 530 -11.86 22.93 -14.00
N ARG A 531 -12.62 22.05 -14.64
CA ARG A 531 -14.08 22.21 -14.70
C ARG A 531 -14.65 20.80 -14.81
N THR A 532 -15.95 20.66 -14.57
CA THR A 532 -16.57 19.34 -14.61
C THR A 532 -16.15 18.42 -15.75
N ASP A 533 -16.21 18.89 -16.99
CA ASP A 533 -15.85 18.01 -18.10
C ASP A 533 -14.37 17.78 -18.34
N ARG A 534 -13.52 18.36 -17.47
CA ARG A 534 -12.07 18.20 -17.57
C ARG A 534 -11.54 17.54 -16.28
N LEU A 535 -12.46 17.00 -15.48
CA LEU A 535 -12.07 16.38 -14.21
C LEU A 535 -12.25 14.86 -14.14
N ALA A 536 -11.22 14.18 -13.63
CA ALA A 536 -11.25 12.73 -13.42
C ALA A 536 -10.92 12.48 -11.95
N ILE A 537 -11.51 11.44 -11.36
CA ILE A 537 -11.19 11.08 -9.99
C ILE A 537 -10.64 9.66 -10.01
N ARG A 538 -9.66 9.42 -9.16
CA ARG A 538 -8.96 8.14 -9.12
C ARG A 538 -8.64 7.76 -7.69
N GLY A 539 -8.63 6.46 -7.43
CA GLY A 539 -8.32 5.96 -6.11
C GLY A 539 -8.22 4.44 -6.18
N GLY A 540 -7.44 3.84 -5.30
CA GLY A 540 -7.31 2.39 -5.31
C GLY A 540 -7.56 1.75 -3.98
N SER A 541 -8.12 0.54 -4.00
CA SER A 541 -8.45 -0.22 -2.77
C SER A 541 -9.46 0.59 -1.98
N ASN A 542 -9.09 1.11 -0.81
CA ASN A 542 -10.04 1.93 -0.07
C ASN A 542 -10.34 3.20 -0.93
N GLY A 543 -9.37 3.57 -1.76
CA GLY A 543 -9.54 4.69 -2.66
C GLY A 543 -10.46 4.30 -3.81
N GLY A 544 -10.57 3.00 -4.07
CA GLY A 544 -11.46 2.51 -5.11
C GLY A 544 -12.88 2.66 -4.60
N LEU A 545 -13.07 2.35 -3.32
CA LEU A 545 -14.37 2.52 -2.68
C LEU A 545 -14.72 4.01 -2.75
N LEU A 546 -13.74 4.85 -2.45
CA LEU A 546 -13.93 6.30 -2.48
C LEU A 546 -14.51 6.74 -3.83
N VAL A 547 -13.88 6.31 -4.92
CA VAL A 547 -14.37 6.67 -6.25
C VAL A 547 -15.75 6.08 -6.51
N GLY A 548 -15.94 4.81 -6.14
CA GLY A 548 -17.23 4.17 -6.35
C GLY A 548 -18.34 4.88 -5.61
N ALA A 549 -18.08 5.31 -4.38
CA ALA A 549 -19.11 6.00 -3.60
C ALA A 549 -19.40 7.39 -4.16
N VAL A 550 -18.35 8.13 -4.53
CA VAL A 550 -18.57 9.48 -5.05
C VAL A 550 -19.27 9.48 -6.42
N MET A 551 -18.92 8.53 -7.29
CA MET A 551 -19.57 8.49 -8.60
C MET A 551 -21.03 8.05 -8.52
N THR A 552 -21.40 7.29 -7.49
CA THR A 552 -22.79 6.86 -7.36
C THR A 552 -23.61 7.93 -6.63
N GLN A 553 -22.95 8.73 -5.80
CA GLN A 553 -23.64 9.80 -5.07
C GLN A 553 -23.73 11.07 -5.91
N ARG A 554 -22.66 11.38 -6.64
CA ARG A 554 -22.59 12.59 -7.45
C ARG A 554 -22.07 12.25 -8.86
N PRO A 555 -22.87 11.54 -9.66
CA PRO A 555 -22.42 11.19 -11.00
C PRO A 555 -22.23 12.39 -11.93
N ASP A 556 -22.68 13.55 -11.48
CA ASP A 556 -22.61 14.80 -12.25
C ASP A 556 -21.34 15.60 -11.93
N LEU A 557 -20.62 15.19 -10.91
CA LEU A 557 -19.42 15.91 -10.45
C LEU A 557 -18.18 15.85 -11.34
N MET A 558 -17.99 14.72 -12.01
CA MET A 558 -16.79 14.48 -12.83
C MET A 558 -17.11 13.93 -14.20
N ARG A 559 -16.11 13.97 -15.09
CA ARG A 559 -16.23 13.46 -16.45
C ARG A 559 -15.77 12.00 -16.50
N VAL A 560 -14.77 11.66 -15.69
CA VAL A 560 -14.20 10.32 -15.68
C VAL A 560 -13.99 9.77 -14.26
N ALA A 561 -14.32 8.50 -14.05
CA ALA A 561 -14.15 7.84 -12.76
C ALA A 561 -13.22 6.65 -12.96
N LEU A 562 -12.18 6.56 -12.12
CA LEU A 562 -11.20 5.48 -12.24
C LEU A 562 -11.02 4.72 -10.92
N PRO A 563 -11.94 3.79 -10.61
CA PRO A 563 -11.81 3.03 -9.36
C PRO A 563 -10.88 1.82 -9.58
N ALA A 564 -9.77 1.75 -8.84
CA ALA A 564 -8.82 0.65 -9.01
C ALA A 564 -8.88 -0.30 -7.82
N VAL A 565 -8.88 -1.61 -8.14
CA VAL A 565 -8.95 -2.69 -7.15
C VAL A 565 -9.75 -2.27 -5.91
N GLY A 566 -10.95 -1.74 -6.17
CA GLY A 566 -11.77 -1.24 -5.08
C GLY A 566 -12.67 -2.17 -4.30
N VAL A 567 -12.95 -1.77 -3.07
CA VAL A 567 -13.88 -2.52 -2.23
C VAL A 567 -15.19 -1.85 -2.66
N LEU A 568 -16.07 -2.60 -3.31
CA LEU A 568 -17.29 -2.01 -3.84
C LEU A 568 -18.59 -2.63 -3.32
N ASP A 569 -18.52 -3.87 -2.83
CA ASP A 569 -19.70 -4.50 -2.24
C ASP A 569 -19.44 -4.39 -0.74
N MET A 570 -19.97 -3.32 -0.12
CA MET A 570 -19.73 -3.12 1.30
C MET A 570 -20.56 -4.02 2.21
N LEU A 571 -21.51 -4.76 1.65
CA LEU A 571 -22.31 -5.67 2.46
C LEU A 571 -21.65 -7.04 2.59
N ARG A 572 -20.79 -7.41 1.64
CA ARG A 572 -20.15 -8.72 1.69
C ARG A 572 -18.62 -8.73 1.69
N TYR A 573 -17.98 -7.55 1.77
CA TYR A 573 -16.52 -7.50 1.72
C TYR A 573 -15.84 -8.32 2.80
N HIS A 574 -16.48 -8.44 3.95
CA HIS A 574 -15.90 -9.16 5.08
C HIS A 574 -15.94 -10.67 4.92
N THR A 575 -16.59 -11.17 3.87
CA THR A 575 -16.67 -12.62 3.68
C THR A 575 -15.54 -13.22 2.85
N PHE A 576 -14.61 -12.38 2.40
CA PHE A 576 -13.48 -12.83 1.56
C PHE A 576 -12.11 -12.68 2.21
N THR A 577 -11.18 -13.54 1.81
CA THR A 577 -9.80 -13.57 2.28
C THR A 577 -9.64 -12.97 3.67
N ALA A 578 -8.88 -11.89 3.82
CA ALA A 578 -8.72 -11.30 5.16
C ALA A 578 -9.50 -9.99 5.30
N GLY A 579 -10.53 -9.85 4.48
CA GLY A 579 -11.36 -8.64 4.48
C GLY A 579 -11.91 -8.22 5.84
N THR A 580 -12.22 -9.19 6.70
CA THR A 580 -12.75 -8.85 8.01
C THR A 580 -11.76 -8.02 8.81
N GLY A 581 -10.50 -8.07 8.43
CA GLY A 581 -9.49 -7.26 9.10
C GLY A 581 -9.75 -5.76 8.92
N TRP A 582 -10.66 -5.40 8.03
CA TRP A 582 -10.98 -3.97 7.80
C TRP A 582 -12.20 -3.51 8.57
N ALA A 583 -12.75 -4.37 9.41
CA ALA A 583 -13.95 -4.03 10.17
C ALA A 583 -13.78 -2.84 11.11
N TYR A 584 -12.55 -2.62 11.59
CA TYR A 584 -12.31 -1.48 12.48
C TYR A 584 -12.63 -0.18 11.72
N ASP A 585 -12.21 -0.12 10.46
CA ASP A 585 -12.48 1.07 9.63
C ASP A 585 -13.88 1.16 9.05
N TYR A 586 -14.39 0.05 8.55
CA TYR A 586 -15.69 0.03 7.87
C TYR A 586 -16.91 -0.38 8.68
N GLY A 587 -16.71 -1.27 9.64
CA GLY A 587 -17.82 -1.84 10.37
C GLY A 587 -18.29 -2.94 9.41
N THR A 588 -19.15 -3.87 9.83
CA THR A 588 -19.64 -4.88 8.89
C THR A 588 -21.16 -4.90 8.96
N SER A 589 -21.78 -5.43 7.91
CA SER A 589 -23.24 -5.52 7.82
C SER A 589 -23.81 -6.42 8.91
N ALA A 590 -22.95 -7.16 9.61
CA ALA A 590 -23.40 -8.06 10.67
C ALA A 590 -23.33 -7.38 12.05
N ASP A 591 -22.79 -6.17 12.12
CA ASP A 591 -22.64 -5.50 13.42
C ASP A 591 -23.95 -5.08 14.09
N SER A 592 -24.88 -4.56 13.30
CA SER A 592 -26.15 -4.08 13.83
C SER A 592 -26.98 -3.55 12.67
N GLU A 593 -28.25 -3.27 12.93
CA GLU A 593 -29.11 -2.70 11.91
C GLU A 593 -28.60 -1.31 11.51
N ALA A 594 -28.09 -0.55 12.47
CA ALA A 594 -27.59 0.79 12.18
C ALA A 594 -26.38 0.71 11.26
N MET A 595 -25.45 -0.21 11.52
CA MET A 595 -24.26 -0.32 10.68
C MET A 595 -24.65 -0.84 9.29
N PHE A 596 -25.57 -1.82 9.25
CA PHE A 596 -26.04 -2.36 7.97
C PHE A 596 -26.67 -1.26 7.12
N ASP A 597 -27.55 -0.47 7.73
CA ASP A 597 -28.20 0.61 7.00
C ASP A 597 -27.19 1.63 6.48
N TYR A 598 -26.21 1.96 7.31
CA TYR A 598 -25.20 2.94 6.92
C TYR A 598 -24.37 2.41 5.76
N LEU A 599 -23.95 1.15 5.84
CA LEU A 599 -23.16 0.56 4.76
C LEU A 599 -23.98 0.47 3.48
N LYS A 600 -25.22 0.02 3.59
CA LYS A 600 -26.04 -0.09 2.39
C LYS A 600 -26.27 1.29 1.80
N GLY A 601 -26.29 2.29 2.67
CA GLY A 601 -26.50 3.67 2.24
C GLY A 601 -25.43 4.26 1.33
N TYR A 602 -24.21 3.74 1.39
CA TYR A 602 -23.15 4.24 0.51
C TYR A 602 -22.48 3.17 -0.35
N SER A 603 -22.65 1.90 -0.01
CA SER A 603 -22.05 0.78 -0.77
C SER A 603 -22.24 1.07 -2.26
N PRO A 604 -21.14 1.24 -2.99
CA PRO A 604 -21.25 1.53 -4.43
C PRO A 604 -22.10 0.54 -5.20
N LEU A 605 -21.88 -0.75 -4.96
CA LEU A 605 -22.64 -1.77 -5.67
C LEU A 605 -24.16 -1.62 -5.47
N HIS A 606 -24.56 -1.21 -4.27
CA HIS A 606 -25.98 -1.07 -3.99
C HIS A 606 -26.57 0.30 -4.22
N ASN A 607 -25.78 1.19 -4.78
CA ASN A 607 -26.26 2.54 -5.04
C ASN A 607 -26.18 2.97 -6.50
N VAL A 608 -26.00 1.99 -7.37
CA VAL A 608 -26.02 2.26 -8.80
C VAL A 608 -27.52 2.16 -9.08
N ARG A 609 -28.07 3.11 -9.83
CA ARG A 609 -29.51 3.09 -10.11
C ARG A 609 -29.81 3.15 -11.60
N PRO A 610 -30.81 2.38 -12.05
CA PRO A 610 -31.14 2.42 -13.47
C PRO A 610 -31.66 3.80 -13.85
N GLY A 611 -31.39 4.23 -15.08
CA GLY A 611 -31.86 5.53 -15.53
C GLY A 611 -30.90 6.68 -15.26
N VAL A 612 -29.86 6.44 -14.48
CA VAL A 612 -28.89 7.50 -14.18
C VAL A 612 -27.78 7.51 -15.23
N SER A 613 -27.29 8.71 -15.56
CA SER A 613 -26.22 8.84 -16.53
C SER A 613 -24.90 8.98 -15.79
N TYR A 614 -24.12 7.91 -15.79
CA TYR A 614 -22.84 7.90 -15.07
C TYR A 614 -21.68 8.46 -15.90
N PRO A 615 -20.62 8.95 -15.23
CA PRO A 615 -19.50 9.48 -16.02
C PRO A 615 -18.84 8.30 -16.74
N SER A 616 -17.89 8.58 -17.64
CA SER A 616 -17.15 7.52 -18.31
C SER A 616 -16.36 6.84 -17.20
N THR A 617 -16.39 5.52 -17.16
CA THR A 617 -15.70 4.80 -16.07
C THR A 617 -14.83 3.66 -16.59
N MET A 618 -13.65 3.50 -15.99
CA MET A 618 -12.82 2.36 -16.32
C MET A 618 -12.43 1.74 -14.98
N VAL A 619 -13.13 0.67 -14.63
CA VAL A 619 -12.89 -0.05 -13.40
C VAL A 619 -11.68 -0.93 -13.67
N THR A 620 -10.69 -0.89 -12.78
CA THR A 620 -9.53 -1.74 -13.01
C THR A 620 -9.33 -2.73 -11.85
N THR A 621 -8.97 -3.96 -12.20
CA THR A 621 -8.69 -4.96 -11.17
C THR A 621 -7.69 -5.96 -11.75
N ALA A 622 -7.41 -7.03 -11.01
CA ALA A 622 -6.44 -8.02 -11.47
C ALA A 622 -6.89 -9.40 -11.02
N ASP A 623 -6.63 -10.42 -11.85
CA ASP A 623 -7.08 -11.76 -11.53
C ASP A 623 -6.48 -12.48 -10.34
N HIS A 624 -5.35 -12.00 -9.82
CA HIS A 624 -4.74 -12.62 -8.65
C HIS A 624 -4.79 -11.69 -7.45
N ASP A 625 -5.68 -10.71 -7.48
CA ASP A 625 -5.80 -9.79 -6.34
C ASP A 625 -6.53 -10.51 -5.21
N ASP A 626 -5.79 -11.07 -4.27
CA ASP A 626 -6.42 -11.73 -3.13
C ASP A 626 -6.52 -10.80 -1.93
N ARG A 627 -6.09 -9.54 -2.08
CA ARG A 627 -6.22 -8.56 -0.98
C ARG A 627 -7.70 -8.14 -1.02
N VAL A 628 -8.12 -7.60 -2.16
CA VAL A 628 -9.50 -7.18 -2.42
C VAL A 628 -9.92 -8.04 -3.61
N VAL A 629 -10.77 -9.05 -3.39
CA VAL A 629 -11.15 -9.95 -4.49
C VAL A 629 -11.73 -9.18 -5.67
N PRO A 630 -11.35 -9.58 -6.89
CA PRO A 630 -11.84 -8.88 -8.08
C PRO A 630 -13.36 -8.91 -8.27
N ALA A 631 -14.04 -9.83 -7.61
CA ALA A 631 -15.50 -9.93 -7.70
C ALA A 631 -16.15 -8.58 -7.34
N HIS A 632 -15.50 -7.81 -6.46
CA HIS A 632 -16.04 -6.48 -6.10
C HIS A 632 -16.18 -5.69 -7.40
N SER A 633 -15.07 -5.58 -8.13
CA SER A 633 -15.05 -4.87 -9.39
C SER A 633 -15.97 -5.51 -10.44
N PHE A 634 -15.98 -6.85 -10.51
CA PHE A 634 -16.83 -7.52 -11.51
C PHE A 634 -18.30 -7.17 -11.31
N LYS A 635 -18.79 -7.34 -10.09
CA LYS A 635 -20.19 -7.06 -9.82
C LYS A 635 -20.54 -5.58 -10.04
N PHE A 636 -19.62 -4.69 -9.66
CA PHE A 636 -19.88 -3.26 -9.82
C PHE A 636 -19.96 -2.92 -11.32
N ALA A 637 -18.99 -3.38 -12.10
CA ALA A 637 -18.98 -3.13 -13.53
C ALA A 637 -20.24 -3.70 -14.21
N ALA A 638 -20.62 -4.90 -13.80
CA ALA A 638 -21.82 -5.53 -14.37
C ALA A 638 -23.05 -4.66 -14.09
N THR A 639 -23.11 -4.12 -12.88
CA THR A 639 -24.25 -3.30 -12.49
C THR A 639 -24.27 -1.98 -13.26
N LEU A 640 -23.11 -1.35 -13.43
CA LEU A 640 -23.04 -0.10 -14.19
C LEU A 640 -23.43 -0.32 -15.65
N GLN A 641 -22.99 -1.43 -16.24
CA GLN A 641 -23.32 -1.70 -17.63
C GLN A 641 -24.81 -1.97 -17.82
N ALA A 642 -25.44 -2.57 -16.82
CA ALA A 642 -26.86 -2.85 -16.89
C ALA A 642 -27.72 -1.63 -16.61
N ASP A 643 -27.27 -0.79 -15.69
CA ASP A 643 -28.03 0.39 -15.25
C ASP A 643 -27.79 1.73 -15.92
N ASN A 644 -26.56 1.99 -16.36
CA ASN A 644 -26.26 3.27 -16.99
C ASN A 644 -27.19 3.59 -18.14
N ALA A 645 -27.75 4.80 -18.12
CA ALA A 645 -28.67 5.21 -19.16
C ALA A 645 -28.06 6.28 -20.07
N GLY A 646 -26.89 6.78 -19.69
CA GLY A 646 -26.22 7.80 -20.48
C GLY A 646 -25.39 7.22 -21.62
N PRO A 647 -24.74 8.07 -22.41
CA PRO A 647 -23.92 7.62 -23.54
C PRO A 647 -22.48 7.27 -23.20
N HIS A 648 -22.09 7.44 -21.94
CA HIS A 648 -20.69 7.17 -21.56
C HIS A 648 -20.40 5.71 -21.24
N PRO A 649 -19.22 5.23 -21.67
CA PRO A 649 -18.81 3.84 -21.46
C PRO A 649 -18.50 3.48 -20.02
N GLN A 650 -18.91 2.27 -19.64
CA GLN A 650 -18.67 1.74 -18.30
C GLN A 650 -17.84 0.48 -18.56
N LEU A 651 -16.52 0.61 -18.52
CA LEU A 651 -15.64 -0.51 -18.83
C LEU A 651 -14.91 -1.10 -17.65
N ILE A 652 -14.44 -2.34 -17.81
CA ILE A 652 -13.64 -2.95 -16.77
C ILE A 652 -12.42 -3.56 -17.46
N ARG A 653 -11.27 -3.32 -16.86
CA ARG A 653 -9.99 -3.81 -17.39
C ARG A 653 -9.45 -4.76 -16.32
N ILE A 654 -9.33 -6.04 -16.65
CA ILE A 654 -8.84 -7.03 -15.70
C ILE A 654 -7.42 -7.45 -16.07
N GLU A 655 -6.45 -7.03 -15.27
CA GLU A 655 -5.05 -7.37 -15.55
C GLU A 655 -4.84 -8.87 -15.28
N THR A 656 -4.11 -9.55 -16.16
CA THR A 656 -3.84 -10.97 -15.95
C THR A 656 -2.47 -11.18 -15.34
N ASN A 657 -2.35 -12.21 -14.50
CA ASN A 657 -1.10 -12.53 -13.82
C ASN A 657 -0.57 -11.38 -12.97
N ALA A 658 -1.49 -10.69 -12.31
CA ALA A 658 -1.12 -9.57 -11.45
C ALA A 658 -2.06 -9.56 -10.25
N GLY A 659 -1.65 -8.85 -9.21
CA GLY A 659 -2.44 -8.79 -8.01
C GLY A 659 -2.86 -7.39 -7.60
N HIS A 660 -2.93 -7.17 -6.30
CA HIS A 660 -3.37 -5.89 -5.77
C HIS A 660 -2.51 -4.73 -6.28
N GLY A 661 -1.24 -4.98 -6.51
CA GLY A 661 -0.39 -3.92 -7.03
C GLY A 661 1.09 -4.09 -6.76
N ALA A 662 1.44 -4.47 -5.54
CA ALA A 662 2.84 -4.64 -5.19
C ALA A 662 3.54 -5.66 -6.07
N GLY A 663 4.74 -5.33 -6.53
CA GLY A 663 5.49 -6.25 -7.36
C GLY A 663 5.06 -6.38 -8.81
N THR A 664 4.18 -5.49 -9.28
CA THR A 664 3.74 -5.55 -10.67
C THR A 664 4.95 -5.18 -11.55
N PRO A 665 5.22 -5.98 -12.60
CA PRO A 665 6.37 -5.65 -13.46
C PRO A 665 6.19 -4.31 -14.19
N VAL A 666 7.31 -3.63 -14.44
CA VAL A 666 7.32 -2.34 -15.13
C VAL A 666 6.53 -2.37 -16.44
N ALA A 667 6.68 -3.44 -17.22
CA ALA A 667 5.95 -3.54 -18.48
C ALA A 667 4.44 -3.38 -18.28
N LYS A 668 3.87 -4.05 -17.29
CA LYS A 668 2.43 -3.93 -17.02
C LYS A 668 2.06 -2.56 -16.47
N LEU A 669 2.91 -2.01 -15.61
CA LEU A 669 2.65 -0.68 -15.06
C LEU A 669 2.53 0.33 -16.21
N ILE A 670 3.45 0.24 -17.17
CA ILE A 670 3.43 1.17 -18.31
C ILE A 670 2.16 1.02 -19.15
N GLU A 671 1.77 -0.21 -19.46
CA GLU A 671 0.55 -0.44 -20.24
C GLU A 671 -0.68 0.07 -19.49
N GLN A 672 -0.75 -0.18 -18.18
CA GLN A 672 -1.88 0.29 -17.38
C GLN A 672 -1.99 1.81 -17.40
N SER A 673 -0.89 2.51 -17.11
CA SER A 673 -0.92 3.97 -17.13
C SER A 673 -1.27 4.50 -18.52
N ALA A 674 -0.73 3.88 -19.57
CA ALA A 674 -1.04 4.34 -20.92
C ALA A 674 -2.55 4.21 -21.18
N ASP A 675 -3.13 3.07 -20.80
CA ASP A 675 -4.57 2.86 -21.01
C ASP A 675 -5.40 3.86 -20.24
N ILE A 676 -5.03 4.09 -18.98
CA ILE A 676 -5.75 5.03 -18.12
C ILE A 676 -5.69 6.47 -18.66
N TYR A 677 -4.49 6.92 -19.03
CA TYR A 677 -4.37 8.29 -19.52
C TYR A 677 -5.04 8.45 -20.89
N ALA A 678 -4.93 7.45 -21.75
CA ALA A 678 -5.54 7.52 -23.08
C ALA A 678 -7.06 7.59 -22.92
N PHE A 679 -7.60 6.70 -22.10
CA PHE A 679 -9.03 6.68 -21.83
C PHE A 679 -9.51 8.00 -21.25
N THR A 680 -8.78 8.52 -20.27
CA THR A 680 -9.16 9.76 -19.62
C THR A 680 -9.22 10.94 -20.60
N LEU A 681 -8.17 11.13 -21.40
CA LEU A 681 -8.16 12.24 -22.34
C LEU A 681 -9.21 12.06 -23.44
N TYR A 682 -9.39 10.82 -23.88
CA TYR A 682 -10.37 10.53 -24.92
C TYR A 682 -11.79 10.82 -24.41
N GLU A 683 -12.08 10.41 -23.18
CA GLU A 683 -13.40 10.65 -22.61
C GLU A 683 -13.64 12.12 -22.33
N MET A 684 -12.56 12.90 -22.26
CA MET A 684 -12.69 14.34 -22.05
C MET A 684 -12.80 15.04 -23.43
N GLY A 685 -12.87 14.23 -24.48
CA GLY A 685 -13.04 14.76 -25.82
C GLY A 685 -11.82 15.22 -26.59
N TYR A 686 -10.62 14.91 -26.11
CA TYR A 686 -9.43 15.33 -26.85
C TYR A 686 -9.24 14.48 -28.10
N ARG A 687 -9.08 15.17 -29.23
CA ARG A 687 -8.86 14.49 -30.51
C ARG A 687 -7.37 14.28 -30.72
N GLU A 688 -6.56 15.11 -30.06
CA GLU A 688 -5.11 15.04 -30.13
C GLU A 688 -4.60 15.34 -28.72
N LEU A 689 -3.36 14.99 -28.42
CA LEU A 689 -2.79 15.25 -27.11
C LEU A 689 -2.70 16.77 -26.91
N PRO A 690 -2.95 17.25 -25.68
CA PRO A 690 -2.90 18.68 -25.35
C PRO A 690 -1.51 19.29 -25.55
N ARG A 691 -0.48 18.46 -25.36
CA ARG A 691 0.91 18.90 -25.53
C ARG A 691 1.69 17.87 -26.33
N GLN A 692 2.79 18.29 -26.93
CA GLN A 692 3.64 17.40 -27.72
C GLN A 692 4.25 16.32 -26.81
N PRO A 693 4.03 15.03 -27.13
CA PRO A 693 4.58 13.96 -26.31
C PRO A 693 6.11 13.82 -26.40
C1 GLC B . -16.45 10.46 -31.83
C2 GLC B . -16.89 8.99 -31.66
C3 GLC B . -17.54 8.50 -32.97
C4 GLC B . -18.81 9.37 -33.25
C5 GLC B . -18.25 10.83 -33.42
C6 GLC B . -19.44 11.76 -33.72
O2 GLC B . -15.73 8.20 -31.36
O3 GLC B . -17.95 7.13 -32.80
O4 GLC B . -19.43 8.94 -34.48
O5 GLC B . -17.62 11.29 -32.18
O6 GLC B . -18.98 13.10 -33.89
C1 FRU B . -13.16 10.99 -31.79
C2 FRU B . -14.40 11.62 -32.44
C3 FRU B . -13.95 12.41 -33.70
C4 FRU B . -14.95 13.60 -33.68
C5 FRU B . -14.97 13.87 -32.16
C6 FRU B . -16.23 14.66 -31.76
O1 FRU B . -13.53 10.26 -30.62
O2 FRU B . -15.38 10.59 -32.82
O3 FRU B . -14.11 11.63 -34.90
O4 FRU B . -14.40 14.71 -34.38
O5 FRU B . -14.98 12.58 -31.54
O6 FRU B . -16.22 14.87 -30.35
O17 ZPR C . -3.18 -5.23 5.35
C15 ZPR C . -4.29 -4.61 4.88
O16 ZPR C . -5.25 -5.29 4.52
N14 ZPR C . -4.32 -3.26 4.82
C10 ZPR C . -5.44 -2.42 4.34
C8 ZPR C . -5.80 -2.70 2.86
O9 ZPR C . -4.96 -3.16 2.11
C11 ZPR C . -5.00 -0.94 4.48
C12 ZPR C . -3.46 -1.02 4.50
C13 ZPR C . -3.21 -2.36 5.23
C4 ZPR C . -9.11 -2.70 1.13
C5 ZPR C . -9.37 -1.74 2.31
C1 ZPR C . -7.19 -1.46 0.07
O2 ZPR C . -6.84 -0.26 0.76
N7 ZPR C . -7.06 -2.42 2.41
C6 ZPR C . -8.17 -1.87 3.24
C3 ZPR C . -7.57 -2.62 1.01
C20 ZPR D . -3.81 2.16 -3.86
C21 ZPR D . -3.62 1.20 -2.85
C22 ZPR D . -3.51 -0.17 -3.19
C23 ZPR D . -3.59 -0.57 -4.54
C24 ZPR D . -3.78 0.39 -5.56
C19 ZPR D . -3.89 1.75 -5.23
C18 ZPR D . -4.09 2.78 -6.30
O17 ZPR D . -2.87 3.53 -6.47
C15 ZPR D . -2.79 4.54 -7.38
O16 ZPR D . -3.77 4.82 -8.08
N14 ZPR D . -1.62 5.24 -7.54
C10 ZPR D . -1.40 6.35 -8.48
C8 ZPR D . -1.68 5.92 -9.92
O9 ZPR D . -1.45 4.77 -10.24
C11 ZPR D . 0.07 6.82 -8.32
C12 ZPR D . 0.77 5.58 -7.68
C13 ZPR D . -0.36 5.02 -6.78
C4 ZPR D . -3.40 7.63 -12.86
C5 ZPR D . -3.09 8.80 -11.89
C1 ZPR D . -1.29 6.26 -13.13
C1 ZPR D . -1.28 6.24 -13.11
O2 ZPR D . -1.34 5.00 -13.78
O2 ZPR D . -0.20 6.99 -12.58
N7 ZPR D . -2.21 6.79 -10.85
C6 ZPR D . -2.55 8.22 -10.59
C3 ZPR D . -2.54 6.46 -12.29
S SO4 E . -28.27 -18.54 -9.97
O1 SO4 E . -28.73 -17.79 -8.79
O2 SO4 E . -27.98 -19.94 -9.59
O3 SO4 E . -27.02 -17.92 -10.50
O4 SO4 E . -29.32 -18.51 -11.00
S SO4 F . -20.83 -16.53 2.23
O1 SO4 F . -19.96 -16.30 1.06
O2 SO4 F . -21.80 -15.43 2.36
O3 SO4 F . -20.01 -16.58 3.46
O4 SO4 F . -21.55 -17.81 2.05
S SO4 G . 19.14 22.33 15.76
O1 SO4 G . 19.59 21.22 14.89
O2 SO4 G . 17.70 22.57 15.55
O3 SO4 G . 19.90 23.55 15.44
O4 SO4 G . 19.37 21.96 17.18
S SO4 H . 39.18 -15.31 1.25
O1 SO4 H . 40.44 -15.24 2.03
O2 SO4 H . 38.25 -16.23 1.90
O3 SO4 H . 39.49 -15.77 -0.12
O4 SO4 H . 38.57 -13.96 1.16
S SO4 I . 11.39 3.66 5.61
O1 SO4 I . 11.48 2.56 6.59
O2 SO4 I . 12.22 3.32 4.43
O3 SO4 I . 11.89 4.90 6.23
O4 SO4 I . 9.99 3.85 5.20
C1 GOL J . -9.44 24.16 -23.74
O1 GOL J . -8.93 23.32 -24.78
C2 GOL J . -10.69 24.87 -24.22
O2 GOL J . -11.69 23.91 -24.57
C3 GOL J . -11.24 25.78 -23.12
O3 GOL J . -12.43 26.45 -23.58
C1 GOL K . 26.44 -8.33 10.81
O1 GOL K . 26.43 -9.57 11.54
C2 GOL K . 27.73 -8.21 10.03
O2 GOL K . 27.85 -9.31 9.12
C3 GOL K . 27.75 -6.88 9.25
O3 GOL K . 28.97 -6.74 8.52
#